data_6TME
#
_entry.id   6TME
#
_cell.length_a   51.806
_cell.length_b   65.542
_cell.length_c   83.700
_cell.angle_alpha   72.120
_cell.angle_beta   87.620
_cell.angle_gamma   68.360
#
_symmetry.space_group_name_H-M   'P 1'
#
loop_
_entity.id
_entity.type
_entity.pdbx_description
1 polymer 'Pollen-specific leucine-rich repeat extensin-like protein 1'
2 polymer 'Protein RALF-like 4'
3 branched 2-acetamido-2-deoxy-beta-D-glucopyranose-(3-4)-2-acetamido-2-deoxy-beta-D-glucopyranose
4 non-polymer 2-acetamido-2-deoxy-beta-D-glucopyranose
5 non-polymer 'SULFATE ION'
6 non-polymer GLYCEROL
7 non-polymer 1,2-ETHANEDIOL
8 water water
#
loop_
_entity_poly.entity_id
_entity_poly.type
_entity_poly.pdbx_seq_one_letter_code
_entity_poly.pdbx_strand_id
1 'polypeptide(L)'
;MELTDEEASFLTRRQLLALSENGDLPDDIEYEVDLDLKFANNRLKRAYIALQAWKKAFYSDPFNTAANWVGPDVCSYKGV
FCAPALDDPSVLVVAGIDLNHADIFGYLPPELGLLTDVALFHVNSNRFCGVIPKSLSKLTLMYEFDVSNNRFVGPFPTVA
LSWPSLKFLDIRYNDFEGKLPPEIFDKDLDAIFLNNNRFESTIPETIGKSTASVVTFAHNKFSGCIPKTIGQMKNLNEIV
FIGNNLSGCLPNEIGSLNNVTVFDASSNGFVGSLPSTLSGLANVEQMDFSYNKFTGFVTDNICKLPKLSNFTFSYNFFNG
EAQSCVPGSSQEKQFDDTSNCLQNRPNQKSAKECLPVVSRPVDCSKDKCAGG
;
A,B
2 'polypeptide(L)' ARGRRYIGYDALKKNNVPCSRRGRSYYDCKKRRRNNPYRRGCSAITHCYR C,D
#
# COMPACT_ATOMS: atom_id res chain seq x y z
N ASN A 42 18.90 4.31 28.48
CA ASN A 42 19.85 3.65 27.59
C ASN A 42 19.46 3.88 26.14
N ARG A 43 20.37 4.53 25.42
CA ARG A 43 20.07 5.12 24.12
C ARG A 43 19.87 4.06 23.04
N LEU A 44 20.75 3.06 22.97
CA LEU A 44 20.59 2.04 21.93
C LEU A 44 19.40 1.12 22.24
N LYS A 45 19.05 0.96 23.52
CA LYS A 45 17.81 0.28 23.87
C LYS A 45 16.60 0.95 23.24
N ARG A 46 16.57 2.28 23.27
CA ARG A 46 15.51 3.03 22.60
C ARG A 46 15.49 2.70 21.10
N ALA A 47 16.66 2.55 20.48
CA ALA A 47 16.66 2.15 19.08
C ALA A 47 16.17 0.72 18.91
N TYR A 48 16.57 -0.16 19.84
CA TYR A 48 16.16 -1.56 19.78
C TYR A 48 14.64 -1.68 19.82
N ILE A 49 14.00 -0.99 20.75
CA ILE A 49 12.54 -1.03 20.87
C ILE A 49 11.88 -0.50 19.59
N ALA A 50 12.36 0.64 19.08
CA ALA A 50 11.88 1.19 17.82
C ALA A 50 11.94 0.17 16.70
N LEU A 51 13.09 -0.48 16.54
CA LEU A 51 13.25 -1.34 15.37
C LEU A 51 12.47 -2.62 15.52
N GLN A 52 12.35 -3.15 16.75
CA GLN A 52 11.52 -4.33 16.97
C GLN A 52 10.04 -4.01 16.80
N ALA A 53 9.60 -2.81 17.22
CA ALA A 53 8.21 -2.44 16.95
C ALA A 53 7.96 -2.33 15.44
N TRP A 54 8.97 -1.89 14.68
CA TRP A 54 8.82 -1.77 13.24
C TRP A 54 8.75 -3.14 12.57
N LYS A 55 9.66 -4.05 12.95
CA LYS A 55 9.66 -5.41 12.43
C LYS A 55 8.35 -6.14 12.70
N LYS A 56 7.73 -5.91 13.87
CA LYS A 56 6.40 -6.48 14.11
C LYS A 56 5.40 -6.03 13.06
N ALA A 57 5.53 -4.81 12.55
CA ALA A 57 4.65 -4.29 11.50
C ALA A 57 5.04 -4.73 10.10
N PHE A 58 6.10 -5.54 9.91
CA PHE A 58 6.46 -6.00 8.57
C PHE A 58 5.58 -7.17 8.19
N TYR A 59 4.57 -6.95 7.34
CA TYR A 59 3.74 -8.07 6.92
C TYR A 59 4.44 -8.92 5.88
N SER A 60 5.20 -8.31 4.98
CA SER A 60 5.87 -9.08 3.96
C SER A 60 7.22 -8.43 3.67
N ASP A 61 8.27 -9.24 3.72
CA ASP A 61 9.64 -8.78 3.54
C ASP A 61 10.27 -9.71 2.51
N PRO A 62 10.09 -9.43 1.22
CA PRO A 62 10.46 -10.43 0.21
C PRO A 62 11.94 -10.80 0.20
N PHE A 63 12.86 -9.87 0.44
CA PHE A 63 14.28 -10.21 0.43
C PHE A 63 14.82 -10.56 1.81
N ASN A 64 13.92 -10.84 2.76
CA ASN A 64 14.31 -11.20 4.14
C ASN A 64 15.29 -10.18 4.71
N THR A 65 15.04 -8.91 4.39
CA THR A 65 15.92 -7.82 4.79
C THR A 65 16.07 -7.72 6.30
N ALA A 66 14.99 -7.95 7.06
CA ALA A 66 14.99 -7.83 8.53
C ALA A 66 15.32 -9.16 9.25
N ALA A 67 15.78 -10.18 8.50
CA ALA A 67 16.14 -11.46 9.08
C ALA A 67 17.10 -11.30 10.27
N ASN A 68 18.15 -10.51 10.12
CA ASN A 68 19.12 -10.37 11.21
C ASN A 68 18.73 -9.31 12.23
N TRP A 69 17.49 -8.78 12.18
CA TRP A 69 17.05 -7.81 13.20
C TRP A 69 16.66 -8.54 14.49
N VAL A 70 17.68 -9.03 15.20
CA VAL A 70 17.51 -9.82 16.41
C VAL A 70 18.60 -9.45 17.40
N GLY A 71 18.24 -9.38 18.68
CA GLY A 71 19.20 -9.06 19.71
C GLY A 71 19.50 -7.58 19.82
N PRO A 72 20.22 -7.19 20.87
CA PRO A 72 20.39 -5.76 21.17
C PRO A 72 21.52 -5.07 20.40
N ASP A 73 22.25 -5.76 19.54
CA ASP A 73 23.24 -5.11 18.68
C ASP A 73 22.56 -4.50 17.43
N VAL A 74 21.85 -3.39 17.65
CA VAL A 74 21.09 -2.76 16.56
C VAL A 74 21.99 -2.35 15.39
N CYS A 75 23.24 -1.96 15.68
CA CYS A 75 24.14 -1.48 14.65
C CYS A 75 24.46 -2.54 13.60
N SER A 76 24.27 -3.80 13.92
CA SER A 76 24.49 -4.86 12.96
C SER A 76 23.24 -5.23 12.16
N TYR A 77 22.08 -4.66 12.51
CA TYR A 77 20.87 -4.84 11.72
C TYR A 77 21.06 -4.34 10.28
N LYS A 78 20.58 -5.13 9.32
CA LYS A 78 20.67 -4.73 7.93
C LYS A 78 19.78 -3.52 7.65
N GLY A 79 20.37 -2.48 7.05
CA GLY A 79 19.64 -1.26 6.74
C GLY A 79 19.70 -0.22 7.83
N VAL A 80 20.35 -0.55 8.96
CA VAL A 80 20.51 0.37 10.08
C VAL A 80 21.96 0.81 10.11
N PHE A 81 22.20 2.11 10.23
CA PHE A 81 23.55 2.64 10.08
C PHE A 81 23.91 3.51 11.26
N CYS A 82 24.94 3.11 11.99
CA CYS A 82 25.34 3.76 13.22
C CYS A 82 26.51 4.71 12.93
N ALA A 83 26.81 5.56 13.90
CA ALA A 83 27.77 6.65 13.74
C ALA A 83 28.07 7.22 15.12
N PRO A 84 29.16 7.99 15.24
CA PRO A 84 29.39 8.73 16.48
C PRO A 84 28.36 9.82 16.65
N ALA A 85 27.99 10.08 17.90
CA ALA A 85 27.09 11.21 18.17
C ALA A 85 27.70 12.51 17.66
N LEU A 86 26.83 13.40 17.19
CA LEU A 86 27.29 14.68 16.65
C LEU A 86 28.00 15.51 17.72
N ASP A 87 27.49 15.45 18.96
CA ASP A 87 28.01 16.23 20.07
C ASP A 87 28.98 15.45 20.95
N ASP A 88 29.35 14.22 20.58
CA ASP A 88 30.24 13.39 21.39
C ASP A 88 30.68 12.17 20.59
N PRO A 89 31.86 12.19 19.97
CA PRO A 89 32.27 11.07 19.12
C PRO A 89 32.59 9.77 19.86
N SER A 90 32.49 9.74 21.18
CA SER A 90 32.65 8.50 21.93
C SER A 90 31.33 7.76 22.17
N VAL A 91 30.20 8.38 21.86
CA VAL A 91 28.89 7.75 21.96
C VAL A 91 28.46 7.24 20.59
N LEU A 92 27.89 6.03 20.58
CA LEU A 92 27.39 5.35 19.39
C LEU A 92 25.89 5.59 19.28
N VAL A 93 25.42 6.01 18.09
CA VAL A 93 24.01 6.30 17.85
C VAL A 93 23.58 5.70 16.51
N VAL A 94 22.28 5.42 16.39
CA VAL A 94 21.67 5.07 15.11
C VAL A 94 21.37 6.36 14.37
N ALA A 95 22.09 6.61 13.29
CA ALA A 95 22.06 7.88 12.58
C ALA A 95 21.36 7.78 11.24
N GLY A 96 21.16 6.56 10.75
CA GLY A 96 20.63 6.39 9.42
C GLY A 96 19.85 5.10 9.28
N ILE A 97 18.81 5.17 8.46
CA ILE A 97 18.04 4.02 8.05
C ILE A 97 18.01 4.05 6.53
N ASP A 98 18.32 2.92 5.91
CA ASP A 98 18.30 2.85 4.45
C ASP A 98 17.84 1.45 4.07
N LEU A 99 16.57 1.36 3.63
CA LEU A 99 15.93 0.15 3.13
C LEU A 99 15.53 0.30 1.67
N ASN A 100 16.21 1.18 0.92
CA ASN A 100 15.86 1.41 -0.49
C ASN A 100 15.75 0.09 -1.23
N HIS A 101 14.61 -0.08 -1.92
CA HIS A 101 14.35 -1.22 -2.80
C HIS A 101 14.10 -2.53 -2.07
N ALA A 102 13.83 -2.51 -0.75
CA ALA A 102 13.53 -3.77 -0.08
C ALA A 102 12.09 -4.25 -0.29
N ASP A 103 11.22 -3.44 -0.90
CA ASP A 103 9.86 -3.87 -1.25
C ASP A 103 9.05 -4.37 -0.05
N ILE A 104 9.28 -3.80 1.13
CA ILE A 104 8.65 -4.24 2.37
C ILE A 104 7.23 -3.68 2.47
N PHE A 105 6.24 -4.56 2.66
CA PHE A 105 4.89 -4.12 2.97
C PHE A 105 4.74 -4.05 4.49
N GLY A 106 4.57 -2.84 5.00
CA GLY A 106 4.23 -2.64 6.39
C GLY A 106 3.72 -1.21 6.55
N TYR A 107 3.93 -0.66 7.74
CA TYR A 107 3.64 0.74 8.01
C TYR A 107 4.69 1.24 8.99
N LEU A 108 4.67 2.55 9.25
CA LEU A 108 5.66 3.13 10.15
C LEU A 108 5.00 3.39 11.50
N PRO A 109 5.35 2.67 12.55
CA PRO A 109 4.65 2.79 13.82
C PRO A 109 5.13 4.01 14.59
N PRO A 110 4.32 4.51 15.52
CA PRO A 110 4.73 5.66 16.35
C PRO A 110 6.07 5.47 17.02
N GLU A 111 6.42 4.22 17.34
CA GLU A 111 7.64 3.96 18.11
C GLU A 111 8.90 4.39 17.35
N LEU A 112 8.83 4.52 16.03
CA LEU A 112 9.97 5.04 15.29
C LEU A 112 10.38 6.43 15.79
N GLY A 113 9.46 7.12 16.48
CA GLY A 113 9.81 8.39 17.11
C GLY A 113 10.91 8.27 18.16
N LEU A 114 11.28 7.05 18.54
CA LEU A 114 12.37 6.87 19.49
C LEU A 114 13.75 6.99 18.82
N LEU A 115 13.83 6.97 17.49
CA LEU A 115 15.11 7.01 16.79
C LEU A 115 15.63 8.45 16.69
N THR A 116 15.86 9.05 17.86
CA THR A 116 16.02 10.51 17.90
C THR A 116 17.34 10.98 17.31
N ASP A 117 18.25 10.08 16.97
CA ASP A 117 19.50 10.51 16.35
C ASP A 117 19.48 10.37 14.83
N VAL A 118 18.40 9.87 14.25
CA VAL A 118 18.39 9.60 12.82
C VAL A 118 18.34 10.91 12.04
N ALA A 119 19.24 11.06 11.08
CA ALA A 119 19.24 12.18 10.16
C ALA A 119 19.04 11.75 8.73
N LEU A 120 19.18 10.46 8.45
CA LEU A 120 19.02 9.95 7.10
C LEU A 120 17.97 8.85 7.15
N PHE A 121 16.95 8.98 6.30
CA PHE A 121 15.88 7.99 6.25
C PHE A 121 15.53 7.74 4.79
N HIS A 122 16.02 6.62 4.24
CA HIS A 122 15.81 6.25 2.84
C HIS A 122 14.98 4.97 2.81
N VAL A 123 13.73 5.05 2.34
CA VAL A 123 12.92 3.83 2.14
C VAL A 123 12.27 3.83 0.75
N ASN A 124 13.01 4.31 -0.26
CA ASN A 124 12.51 4.28 -1.62
C ASN A 124 12.14 2.87 -2.07
N SER A 125 11.01 2.77 -2.77
CA SER A 125 10.55 1.52 -3.39
C SER A 125 10.34 0.43 -2.36
N ASN A 126 9.53 0.74 -1.36
CA ASN A 126 8.97 -0.27 -0.46
C ASN A 126 7.46 -0.22 -0.61
N ARG A 127 6.76 -0.99 0.21
CA ARG A 127 5.30 -0.90 0.19
C ARG A 127 4.81 -0.47 1.55
N PHE A 128 5.40 0.59 2.08
CA PHE A 128 4.98 1.11 3.37
C PHE A 128 3.69 1.89 3.19
N CYS A 129 2.70 1.56 4.02
CA CYS A 129 1.36 2.02 3.78
C CYS A 129 0.88 2.89 4.93
N GLY A 130 -0.11 3.71 4.64
CA GLY A 130 -0.73 4.50 5.69
C GLY A 130 -0.16 5.90 5.74
N VAL A 131 0.06 6.43 6.94
CA VAL A 131 0.50 7.81 7.11
C VAL A 131 1.87 7.83 7.79
N ILE A 132 2.52 8.99 7.72
CA ILE A 132 3.76 9.22 8.46
C ILE A 132 3.40 9.55 9.91
N PRO A 133 3.85 8.77 10.88
CA PRO A 133 3.49 9.05 12.28
C PRO A 133 3.92 10.45 12.72
N LYS A 134 3.01 11.14 13.41
CA LYS A 134 3.34 12.46 13.96
C LYS A 134 4.54 12.40 14.90
N SER A 135 4.75 11.27 15.58
CA SER A 135 5.87 11.18 16.50
C SER A 135 7.22 11.44 15.83
N LEU A 136 7.30 11.37 14.49
CA LEU A 136 8.57 11.62 13.82
C LEU A 136 9.06 13.04 13.99
N SER A 137 8.24 13.94 14.53
CA SER A 137 8.71 15.28 14.86
C SER A 137 9.83 15.24 15.89
N LYS A 138 9.95 14.14 16.64
CA LYS A 138 11.03 14.02 17.61
C LYS A 138 12.37 13.71 16.95
N LEU A 139 12.39 13.37 15.66
CA LEU A 139 13.63 13.16 14.90
C LEU A 139 14.16 14.51 14.45
N THR A 140 14.69 15.25 15.42
CA THR A 140 15.01 16.65 15.19
C THR A 140 16.24 16.85 14.32
N LEU A 141 17.01 15.80 14.07
CA LEU A 141 18.16 15.91 13.19
C LEU A 141 17.83 15.54 11.75
N MET A 142 16.57 15.19 11.47
CA MET A 142 16.18 14.82 10.11
C MET A 142 16.68 15.85 9.10
N TYR A 143 17.39 15.35 8.10
CA TYR A 143 18.06 16.10 7.06
C TYR A 143 17.62 15.67 5.67
N GLU A 144 17.48 14.36 5.44
CA GLU A 144 17.06 13.80 4.16
C GLU A 144 16.06 12.69 4.42
N PHE A 145 14.84 12.89 3.92
CA PHE A 145 13.71 12.03 4.15
C PHE A 145 13.19 11.61 2.79
N ASP A 146 13.28 10.33 2.49
CA ASP A 146 12.92 9.84 1.17
C ASP A 146 11.95 8.68 1.39
N VAL A 147 10.66 8.96 1.22
CA VAL A 147 9.64 7.93 1.22
C VAL A 147 9.07 7.71 -0.19
N SER A 148 9.85 8.04 -1.23
CA SER A 148 9.36 7.93 -2.59
C SER A 148 8.98 6.49 -2.94
N ASN A 149 7.90 6.34 -3.72
CA ASN A 149 7.48 5.07 -4.32
C ASN A 149 7.08 4.05 -3.24
N ASN A 150 6.08 4.45 -2.45
CA ASN A 150 5.56 3.60 -1.40
C ASN A 150 4.03 3.59 -1.54
N ARG A 151 3.35 3.27 -0.44
CA ARG A 151 1.89 3.21 -0.42
C ARG A 151 1.34 4.19 0.62
N PHE A 152 2.01 5.32 0.79
CA PHE A 152 1.50 6.33 1.70
C PHE A 152 0.32 7.07 1.09
N VAL A 153 -0.57 7.57 1.95
CA VAL A 153 -1.86 8.11 1.55
C VAL A 153 -2.26 9.30 2.42
N GLY A 154 -3.16 10.11 1.88
CA GLY A 154 -3.80 11.13 2.66
C GLY A 154 -3.05 12.45 2.60
N PRO A 155 -3.34 13.33 3.54
CA PRO A 155 -2.83 14.70 3.47
C PRO A 155 -1.31 14.79 3.50
N PHE A 156 -0.80 15.90 2.97
CA PHE A 156 0.64 16.14 2.95
C PHE A 156 1.23 15.82 4.32
N PRO A 157 2.38 15.10 4.38
CA PRO A 157 2.96 14.73 5.69
C PRO A 157 3.56 15.92 6.42
N THR A 158 2.72 16.66 7.14
CA THR A 158 3.16 17.94 7.69
C THR A 158 4.18 17.79 8.83
N VAL A 159 4.37 16.58 9.37
CA VAL A 159 5.47 16.37 10.33
C VAL A 159 6.80 16.81 9.73
N ALA A 160 6.94 16.77 8.40
CA ALA A 160 8.16 17.23 7.76
C ALA A 160 8.42 18.71 8.03
N LEU A 161 7.36 19.49 8.29
CA LEU A 161 7.56 20.92 8.55
C LEU A 161 8.22 21.17 9.89
N SER A 162 8.25 20.18 10.77
CA SER A 162 8.78 20.38 12.11
C SER A 162 10.28 20.15 12.20
N TRP A 163 10.94 19.76 11.12
CA TRP A 163 12.35 19.38 11.19
C TRP A 163 13.20 20.60 10.88
N PRO A 164 13.99 21.12 11.84
CA PRO A 164 14.76 22.36 11.58
C PRO A 164 15.99 22.18 10.69
N SER A 165 16.41 20.97 10.37
CA SER A 165 17.59 20.74 9.58
C SER A 165 17.25 20.09 8.25
N LEU A 166 15.98 20.05 7.90
CA LEU A 166 15.54 19.32 6.73
C LEU A 166 16.02 19.97 5.42
N LYS A 167 16.65 19.17 4.56
CA LYS A 167 17.24 19.63 3.33
C LYS A 167 16.69 18.92 2.10
N PHE A 168 16.26 17.67 2.22
CA PHE A 168 15.87 16.82 1.11
C PHE A 168 14.58 16.14 1.54
N LEU A 169 13.51 16.40 0.79
CA LEU A 169 12.20 15.83 1.05
C LEU A 169 11.73 15.19 -0.25
N ASP A 170 11.62 13.86 -0.28
CA ASP A 170 11.07 13.13 -1.41
C ASP A 170 9.83 12.32 -0.99
N ILE A 171 8.65 12.75 -1.43
CA ILE A 171 7.41 12.02 -1.21
C ILE A 171 6.76 11.59 -2.52
N ARG A 172 7.50 11.68 -3.62
CA ARG A 172 6.96 11.39 -4.94
C ARG A 172 6.50 9.94 -5.01
N TYR A 173 5.51 9.70 -5.88
CA TYR A 173 5.01 8.35 -6.21
C TYR A 173 4.34 7.69 -5.01
N ASN A 174 3.48 8.45 -4.35
CA ASN A 174 2.64 7.92 -3.28
C ASN A 174 1.22 8.30 -3.65
N ASP A 175 0.35 8.37 -2.64
CA ASP A 175 -1.03 8.78 -2.83
C ASP A 175 -1.36 9.91 -1.86
N PHE A 176 -0.41 10.83 -1.67
CA PHE A 176 -0.73 12.07 -0.97
C PHE A 176 -1.68 12.93 -1.80
N GLU A 177 -2.52 13.72 -1.12
CA GLU A 177 -3.57 14.43 -1.84
C GLU A 177 -3.98 15.67 -1.06
N GLY A 178 -4.90 16.44 -1.64
CA GLY A 178 -5.33 17.68 -1.02
C GLY A 178 -4.40 18.83 -1.35
N LYS A 179 -4.55 19.90 -0.56
CA LYS A 179 -3.79 21.11 -0.78
C LYS A 179 -2.34 20.92 -0.36
N LEU A 180 -1.50 21.71 -0.93
CA LEU A 180 -0.10 21.75 -0.53
C LEU A 180 0.12 22.81 0.53
N PRO A 181 0.75 22.48 1.66
CA PRO A 181 0.99 23.49 2.70
C PRO A 181 1.93 24.57 2.19
N PRO A 182 1.46 25.81 2.04
CA PRO A 182 2.34 26.86 1.50
C PRO A 182 3.61 27.03 2.31
N GLU A 183 3.57 26.80 3.61
CA GLU A 183 4.76 27.01 4.41
C GLU A 183 5.91 26.07 4.03
N ILE A 184 5.66 25.02 3.22
CA ILE A 184 6.73 24.11 2.81
C ILE A 184 7.84 24.87 2.10
N PHE A 185 7.52 25.94 1.36
CA PHE A 185 8.55 26.71 0.67
C PHE A 185 9.28 27.69 1.58
N ASP A 186 8.86 27.81 2.85
CA ASP A 186 9.59 28.60 3.85
C ASP A 186 10.75 27.82 4.46
N LYS A 187 10.68 26.49 4.52
CA LYS A 187 11.84 25.71 4.95
C LYS A 187 13.00 25.92 3.97
N ASP A 188 14.23 25.73 4.45
CA ASP A 188 15.37 25.85 3.53
C ASP A 188 15.70 24.49 2.90
N LEU A 189 14.72 23.95 2.18
CA LEU A 189 14.92 22.72 1.44
C LEU A 189 15.79 23.00 0.21
N ASP A 190 16.68 22.05 -0.08
CA ASP A 190 17.41 22.07 -1.34
C ASP A 190 16.66 21.34 -2.43
N ALA A 191 15.80 20.38 -2.07
CA ALA A 191 15.16 19.53 -3.04
C ALA A 191 13.78 19.13 -2.53
N ILE A 192 12.77 19.32 -3.36
CA ILE A 192 11.37 19.04 -3.04
C ILE A 192 10.80 18.23 -4.20
N PHE A 193 10.56 16.94 -3.97
CA PHE A 193 9.96 16.07 -4.98
C PHE A 193 8.54 15.76 -4.54
N LEU A 194 7.55 16.24 -5.30
CA LEU A 194 6.15 16.00 -5.02
C LEU A 194 5.46 15.21 -6.11
N ASN A 195 6.15 14.91 -7.21
CA ASN A 195 5.49 14.45 -8.43
C ASN A 195 4.79 13.12 -8.19
N ASN A 196 3.80 12.86 -9.04
CA ASN A 196 3.06 11.58 -9.05
C ASN A 196 2.41 11.32 -7.69
N ASN A 197 1.62 12.30 -7.26
CA ASN A 197 0.74 12.13 -6.13
C ASN A 197 -0.65 12.52 -6.61
N ARG A 198 -1.50 12.92 -5.68
CA ARG A 198 -2.80 13.43 -6.05
C ARG A 198 -3.05 14.79 -5.39
N PHE A 199 -2.02 15.60 -5.27
CA PHE A 199 -2.21 16.98 -4.78
C PHE A 199 -3.10 17.77 -5.73
N GLU A 200 -3.82 18.72 -5.14
CA GLU A 200 -4.82 19.52 -5.84
C GLU A 200 -4.66 21.01 -5.51
N SER A 201 -5.51 21.81 -6.12
CA SER A 201 -5.51 23.26 -5.95
C SER A 201 -4.18 23.90 -6.34
N THR A 202 -3.91 25.07 -5.77
CA THR A 202 -2.98 26.00 -6.39
C THR A 202 -1.55 25.72 -5.97
N ILE A 203 -0.63 26.24 -6.78
CA ILE A 203 0.75 26.40 -6.35
C ILE A 203 0.80 27.56 -5.37
N PRO A 204 1.34 27.36 -4.18
CA PRO A 204 1.31 28.43 -3.18
C PRO A 204 2.05 29.67 -3.65
N GLU A 205 1.50 30.83 -3.27
CA GLU A 205 2.19 32.10 -3.53
C GLU A 205 3.57 32.15 -2.87
N THR A 206 3.82 31.29 -1.89
CA THR A 206 5.08 31.28 -1.17
C THR A 206 6.23 30.66 -1.97
N ILE A 207 5.95 30.08 -3.13
CA ILE A 207 7.00 29.39 -3.89
C ILE A 207 8.23 30.27 -4.09
N GLY A 208 8.06 31.59 -4.20
CA GLY A 208 9.20 32.46 -4.39
C GLY A 208 10.16 32.50 -3.22
N LYS A 209 9.72 32.02 -2.05
CA LYS A 209 10.61 31.97 -0.89
C LYS A 209 11.57 30.79 -0.95
N SER A 210 11.30 29.78 -1.79
CA SER A 210 12.08 28.56 -1.72
C SER A 210 13.52 28.79 -2.16
N THR A 211 14.42 28.10 -1.49
CA THR A 211 15.84 28.04 -1.81
C THR A 211 16.19 26.75 -2.53
N ALA A 212 15.19 26.01 -2.98
CA ALA A 212 15.45 24.71 -3.55
C ALA A 212 16.14 24.84 -4.89
N SER A 213 17.12 23.95 -5.12
CA SER A 213 17.72 23.77 -6.44
C SER A 213 16.87 22.93 -7.38
N VAL A 214 15.99 22.07 -6.87
CA VAL A 214 15.09 21.28 -7.72
C VAL A 214 13.73 21.16 -7.03
N VAL A 215 12.66 21.42 -7.80
CA VAL A 215 11.28 21.23 -7.34
C VAL A 215 10.50 20.50 -8.44
N THR A 216 9.83 19.40 -8.09
CA THR A 216 8.95 18.71 -9.02
C THR A 216 7.51 18.70 -8.50
N PHE A 217 6.58 19.10 -9.40
CA PHE A 217 5.13 19.04 -9.20
C PHE A 217 4.45 18.09 -10.17
N ALA A 218 5.22 17.49 -11.09
CA ALA A 218 4.65 16.74 -12.22
C ALA A 218 3.59 15.74 -11.75
N HIS A 219 2.59 15.50 -12.61
CA HIS A 219 1.61 14.42 -12.43
C HIS A 219 0.87 14.52 -11.10
N ASN A 220 0.30 15.70 -10.88
CA ASN A 220 -0.66 15.89 -9.79
C ASN A 220 -1.92 16.47 -10.43
N LYS A 221 -2.77 17.07 -9.61
CA LYS A 221 -3.94 17.80 -10.11
C LYS A 221 -3.91 19.23 -9.60
N PHE A 222 -2.76 19.86 -9.69
CA PHE A 222 -2.64 21.28 -9.44
C PHE A 222 -3.35 22.09 -10.52
N SER A 223 -3.93 23.22 -10.09
CA SER A 223 -4.73 24.06 -10.98
C SER A 223 -4.41 25.52 -10.75
N GLY A 224 -4.95 26.36 -11.63
CA GLY A 224 -4.68 27.77 -11.54
C GLY A 224 -3.40 28.14 -12.26
N CYS A 225 -2.86 29.29 -11.89
CA CYS A 225 -1.75 29.94 -12.56
C CYS A 225 -0.43 29.62 -11.86
N ILE A 226 0.66 29.76 -12.60
CA ILE A 226 1.98 29.83 -11.94
C ILE A 226 2.10 31.19 -11.27
N PRO A 227 2.46 31.25 -9.98
CA PRO A 227 2.49 32.56 -9.29
C PRO A 227 3.59 33.47 -9.83
N LYS A 228 3.29 34.78 -9.85
CA LYS A 228 4.27 35.77 -10.30
C LYS A 228 5.55 35.76 -9.46
N THR A 229 5.47 35.28 -8.21
CA THR A 229 6.61 35.17 -7.29
C THR A 229 7.63 34.13 -7.72
N ILE A 230 7.33 33.29 -8.72
CA ILE A 230 8.30 32.30 -9.19
C ILE A 230 9.63 32.94 -9.55
N GLY A 231 9.62 34.22 -9.96
CA GLY A 231 10.86 34.88 -10.30
C GLY A 231 11.80 35.07 -9.14
N GLN A 232 11.29 35.00 -7.92
CA GLN A 232 12.11 35.24 -6.73
C GLN A 232 12.83 33.99 -6.20
N MET A 233 12.55 32.81 -6.76
CA MET A 233 13.25 31.59 -6.33
C MET A 233 14.75 31.72 -6.54
N LYS A 234 15.49 31.61 -5.46
CA LYS A 234 16.94 31.55 -5.58
C LYS A 234 17.38 30.10 -5.68
N ASN A 235 18.57 29.90 -6.23
CA ASN A 235 19.21 28.60 -6.35
C ASN A 235 18.51 27.66 -7.32
N LEU A 236 17.40 28.07 -7.95
CA LEU A 236 16.59 27.13 -8.72
C LEU A 236 17.32 26.70 -9.99
N ASN A 237 17.51 25.39 -10.18
CA ASN A 237 18.07 24.83 -11.42
C ASN A 237 17.07 24.06 -12.28
N GLU A 238 16.11 23.37 -11.66
CA GLU A 238 15.20 22.45 -12.34
C GLU A 238 13.83 22.53 -11.71
N ILE A 239 12.81 22.80 -12.53
CA ILE A 239 11.43 22.83 -12.06
C ILE A 239 10.56 22.09 -13.08
N VAL A 240 9.73 21.17 -12.60
CA VAL A 240 9.00 20.26 -13.47
C VAL A 240 7.52 20.30 -13.08
N PHE A 241 6.67 20.71 -14.02
CA PHE A 241 5.22 20.81 -13.87
C PHE A 241 4.44 19.83 -14.73
N ILE A 242 5.11 18.94 -15.46
CA ILE A 242 4.47 18.02 -16.39
C ILE A 242 3.14 17.47 -15.86
N GLY A 243 2.06 17.67 -16.62
CA GLY A 243 0.87 16.89 -16.40
C GLY A 243 0.06 17.32 -15.19
N ASN A 244 -0.40 18.56 -15.19
CA ASN A 244 -1.26 19.08 -14.14
C ASN A 244 -2.42 19.76 -14.85
N ASN A 245 -3.13 20.61 -14.12
CA ASN A 245 -4.24 21.34 -14.69
C ASN A 245 -4.02 22.83 -14.50
N LEU A 246 -2.81 23.28 -14.77
CA LEU A 246 -2.49 24.69 -14.68
C LEU A 246 -2.91 25.41 -15.97
N SER A 247 -3.08 26.72 -15.86
CA SER A 247 -3.66 27.52 -16.93
C SER A 247 -3.24 28.97 -16.72
N GLY A 248 -3.89 29.87 -17.44
CA GLY A 248 -3.42 31.24 -17.47
C GLY A 248 -2.19 31.36 -18.36
N CYS A 249 -1.64 32.56 -18.37
CA CYS A 249 -0.43 32.84 -19.12
C CYS A 249 0.79 32.60 -18.26
N LEU A 250 1.90 32.31 -18.92
CA LEU A 250 3.19 32.23 -18.22
C LEU A 250 3.51 33.61 -17.66
N PRO A 251 3.87 33.73 -16.38
CA PRO A 251 4.30 35.03 -15.89
C PRO A 251 5.65 35.40 -16.48
N ASN A 252 5.76 36.67 -16.91
CA ASN A 252 7.03 37.18 -17.43
C ASN A 252 8.16 37.01 -16.42
N GLU A 253 7.84 36.88 -15.13
CA GLU A 253 8.86 36.76 -14.10
C GLU A 253 9.68 35.48 -14.25
N ILE A 254 9.17 34.49 -15.00
CA ILE A 254 9.97 33.31 -15.32
C ILE A 254 11.33 33.68 -15.87
N GLY A 255 11.41 34.79 -16.61
CA GLY A 255 12.68 35.19 -17.21
C GLY A 255 13.76 35.59 -16.22
N SER A 256 13.42 35.77 -14.95
CA SER A 256 14.44 36.05 -13.95
C SER A 256 15.19 34.80 -13.48
N LEU A 257 14.76 33.60 -13.88
CA LEU A 257 15.37 32.36 -13.40
C LEU A 257 16.64 32.02 -14.20
N ASN A 258 17.63 32.89 -14.05
CA ASN A 258 18.80 32.81 -14.93
C ASN A 258 19.71 31.62 -14.62
N ASN A 259 19.49 30.88 -13.54
CA ASN A 259 20.27 29.65 -13.30
C ASN A 259 19.51 28.38 -13.66
N VAL A 260 18.31 28.49 -14.21
CA VAL A 260 17.51 27.31 -14.56
C VAL A 260 18.13 26.58 -15.74
N THR A 261 18.26 25.25 -15.63
CA THR A 261 18.65 24.41 -16.75
C THR A 261 17.50 23.59 -17.32
N VAL A 262 16.44 23.37 -16.55
CA VAL A 262 15.35 22.50 -16.92
C VAL A 262 14.08 23.22 -16.54
N PHE A 263 13.29 23.60 -17.53
CA PHE A 263 11.98 24.20 -17.30
C PHE A 263 10.96 23.44 -18.14
N ASP A 264 10.15 22.62 -17.49
CA ASP A 264 9.20 21.76 -18.20
C ASP A 264 7.79 22.09 -17.70
N ALA A 265 6.98 22.68 -18.58
CA ALA A 265 5.61 23.09 -18.27
C ALA A 265 4.60 22.30 -19.10
N SER A 266 4.98 21.13 -19.58
CA SER A 266 4.20 20.48 -20.61
C SER A 266 2.97 19.79 -20.03
N SER A 267 1.98 19.56 -20.91
CA SER A 267 0.77 18.82 -20.59
C SER A 267 -0.01 19.53 -19.50
N ASN A 268 -0.22 20.83 -19.68
CA ASN A 268 -1.09 21.61 -18.83
C ASN A 268 -2.12 22.28 -19.72
N GLY A 269 -2.53 23.50 -19.38
CA GLY A 269 -3.53 24.20 -20.15
C GLY A 269 -3.17 25.67 -20.24
N PHE A 270 -1.89 25.96 -20.39
CA PHE A 270 -1.47 27.34 -20.49
C PHE A 270 -1.94 27.97 -21.80
N VAL A 271 -2.13 29.28 -21.76
CA VAL A 271 -2.61 30.07 -22.90
C VAL A 271 -1.70 31.27 -23.06
N GLY A 272 -2.00 32.08 -24.06
CA GLY A 272 -1.18 33.24 -24.33
C GLY A 272 0.04 32.91 -25.16
N SER A 273 0.90 33.89 -25.26
CA SER A 273 2.16 33.78 -25.95
C SER A 273 3.28 33.50 -24.96
N LEU A 274 4.34 32.89 -25.46
CA LEU A 274 5.53 32.79 -24.66
C LEU A 274 5.99 34.21 -24.32
N PRO A 275 6.31 34.50 -23.07
CA PRO A 275 6.81 35.83 -22.76
C PRO A 275 8.18 36.04 -23.35
N SER A 276 8.39 37.24 -23.91
CA SER A 276 9.70 37.60 -24.46
C SER A 276 10.78 37.63 -23.39
N THR A 277 10.40 37.78 -22.12
CA THR A 277 11.35 37.72 -21.02
C THR A 277 12.08 36.38 -20.93
N LEU A 278 11.60 35.34 -21.63
CA LEU A 278 12.28 34.06 -21.56
C LEU A 278 13.70 34.13 -22.12
N SER A 279 14.08 35.25 -22.77
CA SER A 279 15.46 35.38 -23.19
C SER A 279 16.41 35.54 -22.02
N GLY A 280 15.89 35.78 -20.82
CA GLY A 280 16.69 35.78 -19.62
C GLY A 280 17.08 34.40 -19.09
N LEU A 281 16.61 33.32 -19.71
CA LEU A 281 16.96 31.97 -19.26
C LEU A 281 18.34 31.58 -19.81
N ALA A 282 19.35 32.33 -19.35
CA ALA A 282 20.69 32.22 -19.91
C ALA A 282 21.29 30.83 -19.76
N ASN A 283 20.75 29.99 -18.89
CA ASN A 283 21.31 28.67 -18.64
C ASN A 283 20.41 27.52 -19.06
N VAL A 284 19.21 27.77 -19.57
CA VAL A 284 18.26 26.69 -19.75
C VAL A 284 18.80 25.73 -20.81
N GLU A 285 18.72 24.44 -20.51
CA GLU A 285 19.17 23.41 -21.44
C GLU A 285 18.00 22.63 -22.02
N GLN A 286 17.04 22.28 -21.16
CA GLN A 286 15.85 21.55 -21.53
C GLN A 286 14.67 22.47 -21.26
N MET A 287 13.86 22.71 -22.28
CA MET A 287 12.69 23.56 -22.15
C MET A 287 11.56 22.91 -22.94
N ASP A 288 10.46 22.60 -22.26
CA ASP A 288 9.36 21.82 -22.81
C ASP A 288 8.06 22.55 -22.51
N PHE A 289 7.40 23.05 -23.55
CA PHE A 289 6.06 23.62 -23.40
C PHE A 289 5.01 22.81 -24.12
N SER A 290 5.33 21.58 -24.54
CA SER A 290 4.39 20.81 -25.35
C SER A 290 3.05 20.62 -24.63
N TYR A 291 2.01 20.37 -25.42
CA TYR A 291 0.68 19.99 -24.92
C TYR A 291 0.09 21.06 -24.02
N ASN A 292 -0.05 22.25 -24.60
CA ASN A 292 -0.69 23.35 -23.92
C ASN A 292 -1.61 24.03 -24.94
N LYS A 293 -1.95 25.29 -24.70
CA LYS A 293 -2.77 26.05 -25.63
C LYS A 293 -2.09 27.35 -25.99
N PHE A 294 -0.76 27.35 -26.07
CA PHE A 294 -0.04 28.55 -26.42
C PHE A 294 -0.34 28.96 -27.86
N THR A 295 -0.27 30.27 -28.09
CA THR A 295 -0.50 30.83 -29.41
C THR A 295 0.64 31.80 -29.73
N GLY A 296 0.72 32.16 -31.00
CA GLY A 296 1.61 33.22 -31.42
C GLY A 296 2.92 32.73 -32.00
N PHE A 297 3.95 33.53 -31.81
CA PHE A 297 5.23 33.36 -32.48
C PHE A 297 6.26 32.78 -31.53
N VAL A 298 7.10 31.88 -32.06
CA VAL A 298 8.32 31.43 -31.38
C VAL A 298 9.49 32.09 -32.10
N THR A 299 10.19 32.96 -31.40
CA THR A 299 11.23 33.82 -31.96
C THR A 299 12.61 33.25 -31.66
N ASP A 300 13.62 33.82 -32.32
CA ASP A 300 14.98 33.43 -32.00
C ASP A 300 15.48 34.10 -30.73
N ASN A 301 14.72 35.04 -30.18
CA ASN A 301 14.91 35.48 -28.80
C ASN A 301 15.08 34.28 -27.89
N ILE A 302 14.33 33.22 -28.17
CA ILE A 302 14.30 32.02 -27.36
C ILE A 302 15.12 30.90 -27.97
N CYS A 303 14.96 30.67 -29.27
CA CYS A 303 15.60 29.54 -29.93
C CYS A 303 17.11 29.67 -30.04
N LYS A 304 17.68 30.86 -29.81
CA LYS A 304 19.12 31.00 -29.87
C LYS A 304 19.75 31.20 -28.49
N LEU A 305 19.02 30.86 -27.43
CA LEU A 305 19.60 30.86 -26.09
C LEU A 305 20.83 29.94 -26.08
N PRO A 306 21.90 30.33 -25.39
CA PRO A 306 23.21 29.68 -25.64
C PRO A 306 23.33 28.24 -25.17
N LYS A 307 22.69 27.86 -24.07
CA LYS A 307 22.81 26.50 -23.58
C LYS A 307 21.60 25.64 -23.95
N LEU A 308 20.64 26.22 -24.66
CA LEU A 308 19.40 25.52 -24.97
C LEU A 308 19.68 24.43 -26.00
N SER A 309 19.47 23.17 -25.61
CA SER A 309 19.75 22.07 -26.54
C SER A 309 18.53 21.25 -26.94
N ASN A 310 17.44 21.32 -26.20
CA ASN A 310 16.23 20.55 -26.48
C ASN A 310 15.04 21.46 -26.16
N PHE A 311 14.34 21.90 -27.20
CA PHE A 311 13.23 22.84 -27.05
C PHE A 311 12.02 22.24 -27.75
N THR A 312 11.06 21.78 -26.96
CA THR A 312 9.85 21.07 -27.41
C THR A 312 8.66 21.99 -27.21
N PHE A 313 7.98 22.37 -28.29
CA PHE A 313 6.83 23.25 -28.19
C PHE A 313 5.66 22.69 -29.00
N SER A 314 5.64 21.37 -29.15
CA SER A 314 4.65 20.69 -29.97
C SER A 314 3.29 20.69 -29.29
N TYR A 315 2.23 20.38 -30.06
CA TYR A 315 0.86 20.34 -29.56
C TYR A 315 0.50 21.63 -28.83
N ASN A 316 0.53 22.72 -29.60
CA ASN A 316 0.09 24.04 -29.16
C ASN A 316 -0.64 24.69 -30.34
N PHE A 317 -0.78 26.00 -30.32
CA PHE A 317 -1.34 26.70 -31.49
C PHE A 317 -0.43 27.82 -31.96
N PHE A 318 0.88 27.58 -32.01
CA PHE A 318 1.78 28.57 -32.58
C PHE A 318 1.49 28.70 -34.08
N ASN A 319 1.43 29.94 -34.55
CA ASN A 319 1.18 30.21 -35.97
C ASN A 319 2.40 30.80 -36.67
N GLY A 320 3.53 30.95 -35.98
CA GLY A 320 4.76 31.38 -36.61
C GLY A 320 5.96 30.90 -35.81
N GLU A 321 7.08 30.69 -36.50
CA GLU A 321 8.32 30.37 -35.81
C GLU A 321 9.49 30.94 -36.59
N ALA A 322 10.50 31.37 -35.84
CA ALA A 322 11.76 31.79 -36.46
C ALA A 322 12.42 30.61 -37.18
N GLN A 323 13.24 30.94 -38.19
CA GLN A 323 13.93 29.90 -38.93
C GLN A 323 14.88 29.12 -38.03
N SER A 324 15.46 29.77 -37.04
CA SER A 324 16.34 29.05 -36.14
C SER A 324 15.60 28.19 -35.13
N CYS A 325 14.26 28.23 -35.12
CA CYS A 325 13.43 27.33 -34.32
C CYS A 325 13.03 26.07 -35.04
N VAL A 326 13.43 25.90 -36.29
CA VAL A 326 12.86 24.85 -37.12
C VAL A 326 13.56 23.53 -36.81
N PRO A 327 12.81 22.48 -36.52
CA PRO A 327 13.44 21.18 -36.29
C PRO A 327 14.14 20.70 -37.56
N GLY A 328 15.18 19.89 -37.37
CA GLY A 328 16.07 19.49 -38.44
C GLY A 328 17.01 20.55 -38.96
N SER A 329 16.96 21.79 -38.44
CA SER A 329 17.75 22.89 -38.96
C SER A 329 19.11 23.01 -38.30
N SER A 330 19.29 22.46 -37.11
CA SER A 330 20.53 22.63 -36.37
C SER A 330 21.09 21.27 -36.00
N GLN A 331 22.41 21.16 -36.02
CA GLN A 331 23.06 19.95 -35.54
C GLN A 331 23.32 19.98 -34.04
N GLU A 332 23.15 21.13 -33.38
CA GLU A 332 23.38 21.24 -31.95
C GLU A 332 22.10 21.31 -31.13
N LYS A 333 21.01 21.78 -31.73
CA LYS A 333 19.80 22.08 -30.99
C LYS A 333 18.67 21.24 -31.52
N GLN A 334 17.97 20.57 -30.62
CA GLN A 334 16.82 19.75 -30.97
C GLN A 334 15.54 20.54 -30.72
N PHE A 335 14.69 20.59 -31.74
CA PHE A 335 13.41 21.26 -31.67
C PHE A 335 12.30 20.28 -32.03
N ASP A 336 11.08 20.62 -31.64
CA ASP A 336 9.93 19.79 -31.94
C ASP A 336 8.71 20.70 -32.05
N ASP A 337 8.10 20.77 -33.25
CA ASP A 337 7.01 21.70 -33.51
C ASP A 337 5.77 21.00 -34.08
N THR A 338 5.68 19.69 -33.89
CA THR A 338 4.53 18.90 -34.30
C THR A 338 3.21 19.46 -33.75
N SER A 339 2.17 19.45 -34.60
CA SER A 339 0.82 19.78 -34.20
C SER A 339 0.73 21.20 -33.64
N ASN A 340 1.21 22.14 -34.43
CA ASN A 340 0.91 23.53 -34.16
C ASN A 340 0.07 24.08 -35.31
N CYS A 341 0.18 25.38 -35.57
CA CYS A 341 -0.53 25.98 -36.69
C CYS A 341 0.45 26.66 -37.63
N LEU A 342 1.49 25.96 -38.06
CA LEU A 342 2.55 26.57 -38.84
C LEU A 342 2.41 26.19 -40.31
N GLN A 343 2.42 27.20 -41.19
CA GLN A 343 2.47 26.93 -42.61
C GLN A 343 3.81 26.30 -42.99
N ASN A 344 3.78 25.41 -43.97
CA ASN A 344 4.99 24.85 -44.58
C ASN A 344 5.83 24.09 -43.55
N ARG A 345 5.15 23.29 -42.75
CA ARG A 345 5.75 22.38 -41.80
C ARG A 345 4.88 21.14 -41.77
N PRO A 346 5.46 19.98 -41.50
CA PRO A 346 4.66 18.75 -41.46
C PRO A 346 3.84 18.63 -40.18
N ASN A 347 2.84 17.76 -40.24
CA ASN A 347 2.08 17.28 -39.08
C ASN A 347 1.52 18.43 -38.24
N GLN A 348 1.06 19.49 -38.92
CA GLN A 348 0.44 20.60 -38.23
C GLN A 348 -1.05 20.36 -38.02
N LYS A 349 -1.66 21.18 -37.17
CA LYS A 349 -3.11 21.13 -37.02
C LYS A 349 -3.75 21.62 -38.31
N SER A 350 -4.98 21.16 -38.57
CA SER A 350 -5.72 21.63 -39.74
C SER A 350 -6.03 23.12 -39.63
N ALA A 351 -6.17 23.77 -40.78
CA ALA A 351 -6.57 25.17 -40.80
C ALA A 351 -7.96 25.37 -40.21
N LYS A 352 -8.83 24.36 -40.35
CA LYS A 352 -10.17 24.43 -39.77
C LYS A 352 -10.09 24.54 -38.24
N GLU A 353 -9.27 23.69 -37.62
CA GLU A 353 -9.12 23.74 -36.16
C GLU A 353 -8.35 24.98 -35.70
N CYS A 354 -7.49 25.52 -36.55
CA CYS A 354 -6.56 26.54 -36.09
C CYS A 354 -7.18 27.93 -36.06
N LEU A 355 -7.85 28.34 -37.14
CA LEU A 355 -8.36 29.71 -37.24
C LEU A 355 -9.21 30.16 -36.06
N PRO A 356 -10.17 29.38 -35.55
CA PRO A 356 -10.88 29.83 -34.35
C PRO A 356 -9.96 30.23 -33.20
N VAL A 357 -8.96 29.41 -32.90
CA VAL A 357 -8.06 29.69 -31.79
C VAL A 357 -7.05 30.76 -32.15
N VAL A 358 -6.46 30.64 -33.35
CA VAL A 358 -5.39 31.54 -33.74
C VAL A 358 -5.90 32.97 -33.88
N SER A 359 -7.15 33.14 -34.28
CA SER A 359 -7.72 34.47 -34.47
C SER A 359 -8.31 35.05 -33.19
N ARG A 360 -8.31 34.30 -32.09
CA ARG A 360 -8.77 34.81 -30.79
C ARG A 360 -7.69 34.54 -29.75
N PRO A 361 -6.58 35.26 -29.82
CA PRO A 361 -5.54 35.11 -28.80
C PRO A 361 -5.99 35.74 -27.49
N VAL A 362 -5.54 35.13 -26.39
CA VAL A 362 -5.92 35.60 -25.07
C VAL A 362 -5.09 36.83 -24.71
N ASP A 363 -5.75 37.84 -24.15
CA ASP A 363 -5.07 39.03 -23.65
C ASP A 363 -4.62 38.74 -22.24
N CYS A 364 -3.32 38.52 -22.07
CA CYS A 364 -2.75 38.15 -20.77
C CYS A 364 -2.90 39.35 -19.83
N SER A 365 -4.10 39.50 -19.27
CA SER A 365 -4.43 40.66 -18.44
C SER A 365 -5.68 40.42 -17.59
N ALA B 40 -27.72 18.51 -0.91
CA ALA B 40 -29.07 18.66 -0.42
C ALA B 40 -29.45 17.49 0.51
N ASN B 41 -30.74 17.16 0.54
CA ASN B 41 -31.26 15.95 1.18
C ASN B 41 -31.53 14.86 0.14
N ASN B 42 -30.68 14.81 -0.90
CA ASN B 42 -30.85 13.93 -2.05
C ASN B 42 -29.97 12.68 -1.86
N ARG B 43 -30.60 11.51 -1.97
CA ARG B 43 -29.95 10.25 -1.61
C ARG B 43 -28.83 9.89 -2.58
N LEU B 44 -29.12 9.91 -3.88
CA LEU B 44 -28.10 9.53 -4.86
C LEU B 44 -27.01 10.59 -4.99
N LYS B 45 -27.32 11.86 -4.69
CA LYS B 45 -26.29 12.89 -4.62
C LYS B 45 -25.24 12.54 -3.58
N ARG B 46 -25.67 11.96 -2.44
CA ARG B 46 -24.71 11.55 -1.43
C ARG B 46 -23.81 10.43 -1.95
N ALA B 47 -24.39 9.42 -2.60
CA ALA B 47 -23.55 8.41 -3.25
C ALA B 47 -22.57 9.06 -4.24
N TYR B 48 -23.07 10.02 -5.03
CA TYR B 48 -22.23 10.73 -6.00
C TYR B 48 -21.03 11.39 -5.32
N ILE B 49 -21.29 12.14 -4.25
CA ILE B 49 -20.21 12.78 -3.49
C ILE B 49 -19.23 11.72 -2.95
N ALA B 50 -19.77 10.63 -2.42
CA ALA B 50 -18.89 9.58 -1.89
C ALA B 50 -18.02 8.96 -2.97
N LEU B 51 -18.60 8.66 -4.13
CA LEU B 51 -17.81 8.02 -5.18
C LEU B 51 -16.79 8.97 -5.78
N GLN B 52 -17.15 10.25 -5.91
CA GLN B 52 -16.21 11.22 -6.45
C GLN B 52 -15.10 11.53 -5.47
N ALA B 53 -15.39 11.52 -4.16
CA ALA B 53 -14.33 11.66 -3.17
C ALA B 53 -13.40 10.47 -3.22
N TRP B 54 -13.96 9.27 -3.40
CA TRP B 54 -13.15 8.05 -3.51
C TRP B 54 -12.26 8.12 -4.74
N LYS B 55 -12.84 8.47 -5.90
CA LYS B 55 -12.06 8.56 -7.12
C LYS B 55 -10.94 9.58 -6.99
N LYS B 56 -11.18 10.67 -6.25
CA LYS B 56 -10.10 11.61 -6.00
C LYS B 56 -8.90 10.93 -5.34
N ALA B 57 -9.12 9.84 -4.59
CA ALA B 57 -8.03 9.17 -3.89
C ALA B 57 -7.46 8.02 -4.69
N PHE B 58 -7.87 7.81 -5.93
CA PHE B 58 -7.26 6.77 -6.74
C PHE B 58 -5.98 7.32 -7.34
N TYR B 59 -4.82 6.89 -6.81
CA TYR B 59 -3.54 7.27 -7.41
C TYR B 59 -3.21 6.45 -8.64
N SER B 60 -3.65 5.18 -8.67
CA SER B 60 -3.35 4.25 -9.75
C SER B 60 -4.55 3.33 -9.95
N ASP B 61 -5.10 3.35 -11.16
CA ASP B 61 -6.28 2.58 -11.52
C ASP B 61 -5.89 1.81 -12.78
N PRO B 62 -5.23 0.66 -12.62
CA PRO B 62 -4.56 0.04 -13.78
C PRO B 62 -5.48 -0.36 -14.91
N PHE B 63 -6.69 -0.84 -14.63
CA PHE B 63 -7.62 -1.19 -15.69
C PHE B 63 -8.61 -0.07 -16.00
N ASN B 64 -8.36 1.15 -15.52
CA ASN B 64 -9.25 2.31 -15.72
C ASN B 64 -10.68 1.98 -15.29
N THR B 65 -10.79 1.22 -14.21
CA THR B 65 -12.08 0.77 -13.70
C THR B 65 -13.04 1.93 -13.45
N ALA B 66 -12.54 3.08 -12.99
CA ALA B 66 -13.38 4.25 -12.73
C ALA B 66 -13.41 5.27 -13.88
N ALA B 67 -13.00 4.88 -15.09
CA ALA B 67 -13.09 5.77 -16.24
C ALA B 67 -14.51 6.31 -16.45
N ASN B 68 -15.55 5.49 -16.26
CA ASN B 68 -16.91 5.98 -16.41
C ASN B 68 -17.52 6.55 -15.12
N TRP B 69 -16.74 6.78 -14.06
CA TRP B 69 -17.28 7.43 -12.85
C TRP B 69 -17.37 8.93 -13.10
N VAL B 70 -18.40 9.32 -13.86
CA VAL B 70 -18.60 10.69 -14.33
C VAL B 70 -20.09 10.99 -14.32
N GLY B 71 -20.49 12.09 -13.69
CA GLY B 71 -21.85 12.54 -13.75
C GLY B 71 -22.71 11.94 -12.66
N PRO B 72 -23.94 12.45 -12.49
CA PRO B 72 -24.77 12.07 -11.35
C PRO B 72 -25.43 10.70 -11.43
N ASP B 73 -25.20 9.95 -12.51
CA ASP B 73 -25.85 8.64 -12.66
C ASP B 73 -24.95 7.56 -12.07
N VAL B 74 -24.93 7.48 -10.73
CA VAL B 74 -23.96 6.61 -10.04
C VAL B 74 -24.19 5.15 -10.40
N CYS B 75 -25.43 4.79 -10.74
CA CYS B 75 -25.76 3.41 -11.06
C CYS B 75 -25.09 2.91 -12.32
N SER B 76 -24.61 3.80 -13.17
CA SER B 76 -23.84 3.40 -14.36
C SER B 76 -22.36 3.22 -14.09
N TYR B 77 -21.86 3.66 -12.94
CA TYR B 77 -20.45 3.50 -12.62
C TYR B 77 -20.11 2.03 -12.56
N LYS B 78 -19.01 1.65 -13.19
CA LYS B 78 -18.53 0.29 -13.08
C LYS B 78 -18.19 -0.03 -11.62
N GLY B 79 -18.64 -1.20 -11.16
CA GLY B 79 -18.37 -1.63 -9.79
C GLY B 79 -19.36 -1.13 -8.78
N VAL B 80 -20.33 -0.32 -9.18
CA VAL B 80 -21.36 0.22 -8.29
C VAL B 80 -22.69 -0.44 -8.65
N PHE B 81 -23.40 -0.92 -7.64
CA PHE B 81 -24.53 -1.81 -7.85
C PHE B 81 -25.72 -1.31 -7.08
N CYS B 82 -26.76 -0.93 -7.81
CA CYS B 82 -27.97 -0.35 -7.26
C CYS B 82 -29.06 -1.41 -7.07
N ALA B 83 -30.12 -1.02 -6.38
CA ALA B 83 -31.19 -1.94 -6.04
C ALA B 83 -32.37 -1.15 -5.52
N PRO B 84 -33.55 -1.77 -5.44
CA PRO B 84 -34.67 -1.13 -4.71
C PRO B 84 -34.33 -1.04 -3.23
N ALA B 85 -34.77 0.04 -2.61
CA ALA B 85 -34.60 0.17 -1.16
C ALA B 85 -35.38 -0.94 -0.44
N LEU B 86 -34.80 -1.44 0.65
CA LEU B 86 -35.42 -2.59 1.33
C LEU B 86 -36.77 -2.21 1.93
N ASP B 87 -36.93 -0.95 2.35
CA ASP B 87 -38.17 -0.43 2.90
C ASP B 87 -39.03 0.29 1.87
N ASP B 88 -38.68 0.22 0.57
CA ASP B 88 -39.41 0.94 -0.47
C ASP B 88 -38.91 0.55 -1.86
N PRO B 89 -39.51 -0.45 -2.52
CA PRO B 89 -39.02 -0.89 -3.85
C PRO B 89 -39.19 0.16 -4.95
N SER B 90 -39.76 1.29 -4.58
CA SER B 90 -39.95 2.41 -5.49
C SER B 90 -38.77 3.39 -5.49
N VAL B 91 -37.83 3.24 -4.54
CA VAL B 91 -36.68 4.12 -4.39
C VAL B 91 -35.42 3.38 -4.83
N LEU B 92 -34.56 4.08 -5.56
CA LEU B 92 -33.30 3.53 -6.08
C LEU B 92 -32.17 3.88 -5.12
N VAL B 93 -31.36 2.90 -4.74
CA VAL B 93 -30.26 3.11 -3.78
C VAL B 93 -28.99 2.40 -4.27
N VAL B 94 -27.85 2.87 -3.78
CA VAL B 94 -26.60 2.14 -3.94
C VAL B 94 -26.48 1.11 -2.82
N ALA B 95 -26.53 -0.18 -3.19
CA ALA B 95 -26.53 -1.28 -2.23
C ALA B 95 -25.23 -2.07 -2.23
N GLY B 96 -24.39 -1.93 -3.24
CA GLY B 96 -23.22 -2.78 -3.34
C GLY B 96 -22.09 -2.07 -4.04
N ILE B 97 -20.88 -2.38 -3.60
CA ILE B 97 -19.66 -1.95 -4.26
C ILE B 97 -18.83 -3.18 -4.52
N ASP B 98 -18.38 -3.36 -5.75
CA ASP B 98 -17.59 -4.54 -6.07
C ASP B 98 -16.54 -4.14 -7.10
N LEU B 99 -15.31 -4.00 -6.62
CA LEU B 99 -14.14 -3.71 -7.40
C LEU B 99 -13.11 -4.83 -7.26
N ASN B 100 -13.60 -6.07 -7.05
CA ASN B 100 -12.74 -7.22 -6.90
C ASN B 100 -11.76 -7.30 -8.06
N HIS B 101 -10.46 -7.41 -7.73
CA HIS B 101 -9.34 -7.55 -8.66
C HIS B 101 -9.03 -6.31 -9.48
N ALA B 102 -9.56 -5.14 -9.13
CA ALA B 102 -9.23 -3.95 -9.92
C ALA B 102 -7.84 -3.40 -9.65
N ASP B 103 -7.10 -3.92 -8.65
CA ASP B 103 -5.72 -3.53 -8.35
C ASP B 103 -5.55 -2.01 -8.17
N ILE B 104 -6.55 -1.34 -7.60
CA ILE B 104 -6.49 0.12 -7.45
C ILE B 104 -5.64 0.47 -6.24
N PHE B 105 -4.68 1.39 -6.44
CA PHE B 105 -3.94 1.97 -5.33
C PHE B 105 -4.62 3.26 -4.92
N GLY B 106 -5.10 3.31 -3.67
CA GLY B 106 -5.65 4.50 -3.06
C GLY B 106 -5.96 4.25 -1.59
N TYR B 107 -6.91 4.99 -1.03
CA TYR B 107 -7.36 4.72 0.33
C TYR B 107 -8.88 4.92 0.40
N LEU B 108 -9.46 4.68 1.59
CA LEU B 108 -10.89 4.84 1.79
C LEU B 108 -11.16 6.18 2.46
N PRO B 109 -11.70 7.16 1.76
CA PRO B 109 -11.96 8.46 2.38
C PRO B 109 -13.13 8.36 3.34
N PRO B 110 -13.19 9.24 4.34
CA PRO B 110 -14.34 9.23 5.27
C PRO B 110 -15.67 9.44 4.58
N GLU B 111 -15.70 10.16 3.45
CA GLU B 111 -16.94 10.41 2.72
C GLU B 111 -17.66 9.13 2.33
N LEU B 112 -16.95 7.99 2.23
CA LEU B 112 -17.62 6.72 1.97
C LEU B 112 -18.71 6.43 2.98
N GLY B 113 -18.62 7.01 4.19
CA GLY B 113 -19.67 6.94 5.19
C GLY B 113 -21.04 7.39 4.71
N LEU B 114 -21.08 8.15 3.61
CA LEU B 114 -22.35 8.54 2.99
C LEU B 114 -23.07 7.38 2.32
N LEU B 115 -22.40 6.24 2.11
CA LEU B 115 -23.01 5.15 1.34
C LEU B 115 -23.91 4.28 2.21
N THR B 116 -24.92 4.92 2.78
CA THR B 116 -25.62 4.35 3.92
C THR B 116 -26.56 3.22 3.57
N ASP B 117 -26.76 2.94 2.28
CA ASP B 117 -27.55 1.78 1.87
C ASP B 117 -26.69 0.61 1.41
N VAL B 118 -25.36 0.76 1.43
CA VAL B 118 -24.48 -0.32 1.02
C VAL B 118 -24.55 -1.46 2.04
N ALA B 119 -24.82 -2.66 1.55
CA ALA B 119 -24.71 -3.86 2.36
C ALA B 119 -23.63 -4.79 1.87
N LEU B 120 -23.08 -4.53 0.70
CA LEU B 120 -22.09 -5.40 0.09
C LEU B 120 -20.91 -4.53 -0.32
N PHE B 121 -19.73 -4.92 0.15
CA PHE B 121 -18.50 -4.17 -0.12
C PHE B 121 -17.43 -5.22 -0.41
N HIS B 122 -17.12 -5.40 -1.69
CA HIS B 122 -16.12 -6.34 -2.16
C HIS B 122 -15.00 -5.54 -2.83
N VAL B 123 -13.82 -5.49 -2.21
CA VAL B 123 -12.66 -4.88 -2.86
C VAL B 123 -11.43 -5.78 -2.77
N ASN B 124 -11.62 -7.10 -2.86
CA ASN B 124 -10.49 -8.00 -2.85
C ASN B 124 -9.49 -7.66 -3.94
N SER B 125 -8.21 -7.79 -3.61
CA SER B 125 -7.11 -7.68 -4.56
C SER B 125 -7.04 -6.28 -5.16
N ASN B 126 -7.14 -5.27 -4.30
CA ASN B 126 -6.82 -3.92 -4.70
C ASN B 126 -5.57 -3.52 -3.93
N ARG B 127 -5.21 -2.23 -4.01
CA ARG B 127 -4.09 -1.74 -3.24
C ARG B 127 -4.53 -0.57 -2.37
N PHE B 128 -5.67 -0.71 -1.71
CA PHE B 128 -6.11 0.30 -0.78
C PHE B 128 -5.31 0.21 0.51
N CYS B 129 -4.89 1.36 1.02
CA CYS B 129 -3.90 1.41 2.09
C CYS B 129 -4.39 2.28 3.23
N GLY B 130 -3.75 2.08 4.37
CA GLY B 130 -4.09 2.83 5.55
C GLY B 130 -5.16 2.12 6.32
N VAL B 131 -6.09 2.86 6.88
CA VAL B 131 -7.05 2.28 7.82
C VAL B 131 -8.46 2.36 7.24
N ILE B 132 -9.35 1.55 7.82
CA ILE B 132 -10.78 1.63 7.57
C ILE B 132 -11.32 2.83 8.33
N PRO B 133 -11.85 3.84 7.66
CA PRO B 133 -12.32 5.03 8.39
C PRO B 133 -13.49 4.70 9.32
N LYS B 134 -13.51 5.34 10.50
CA LYS B 134 -14.54 5.06 11.48
C LYS B 134 -15.93 5.48 10.99
N SER B 135 -16.00 6.37 10.00
CA SER B 135 -17.31 6.80 9.51
C SER B 135 -18.07 5.66 8.86
N LEU B 136 -17.41 4.53 8.57
CA LEU B 136 -18.12 3.40 7.98
C LEU B 136 -19.08 2.74 8.94
N SER B 137 -19.08 3.15 10.21
CA SER B 137 -20.13 2.69 11.13
C SER B 137 -21.50 3.13 10.67
N LYS B 138 -21.60 4.25 9.94
CA LYS B 138 -22.90 4.69 9.44
C LYS B 138 -23.47 3.75 8.40
N LEU B 139 -22.69 2.79 7.92
CA LEU B 139 -23.20 1.80 6.96
C LEU B 139 -23.87 0.68 7.74
N THR B 140 -24.97 1.03 8.41
CA THR B 140 -25.64 0.11 9.33
C THR B 140 -26.18 -1.14 8.65
N LEU B 141 -26.28 -1.15 7.32
CA LEU B 141 -26.76 -2.32 6.60
C LEU B 141 -25.67 -3.31 6.24
N MET B 142 -24.41 -3.00 6.56
CA MET B 142 -23.27 -3.83 6.15
C MET B 142 -23.48 -5.29 6.54
N TYR B 143 -23.39 -6.16 5.54
CA TYR B 143 -23.66 -7.59 5.69
C TYR B 143 -22.43 -8.42 5.36
N GLU B 144 -21.75 -8.08 4.27
CA GLU B 144 -20.54 -8.74 3.83
C GLU B 144 -19.50 -7.69 3.48
N PHE B 145 -18.34 -7.78 4.12
CA PHE B 145 -17.27 -6.79 4.00
C PHE B 145 -16.00 -7.56 3.70
N ASP B 146 -15.46 -7.36 2.50
CA ASP B 146 -14.29 -8.09 2.01
C ASP B 146 -13.24 -7.07 1.59
N VAL B 147 -12.18 -6.94 2.41
CA VAL B 147 -11.03 -6.10 2.08
C VAL B 147 -9.79 -6.96 2.00
N SER B 148 -9.98 -8.22 1.69
CA SER B 148 -8.87 -9.15 1.58
C SER B 148 -7.87 -8.70 0.52
N ASN B 149 -6.59 -8.97 0.79
CA ASN B 149 -5.49 -8.75 -0.16
C ASN B 149 -5.45 -7.29 -0.59
N ASN B 150 -5.20 -6.43 0.39
CA ASN B 150 -5.08 -5.01 0.16
C ASN B 150 -3.81 -4.52 0.85
N ARG B 151 -3.76 -3.24 1.20
CA ARG B 151 -2.61 -2.66 1.90
C ARG B 151 -3.05 -1.98 3.19
N PHE B 152 -4.07 -2.52 3.83
CA PHE B 152 -4.49 -1.94 5.09
C PHE B 152 -3.52 -2.32 6.20
N VAL B 153 -3.39 -1.41 7.18
CA VAL B 153 -2.38 -1.49 8.23
C VAL B 153 -2.98 -1.11 9.57
N GLY B 154 -2.29 -1.50 10.64
CA GLY B 154 -2.57 -1.00 11.96
C GLY B 154 -3.52 -1.87 12.74
N PRO B 155 -4.14 -1.31 13.78
CA PRO B 155 -4.96 -2.12 14.69
C PRO B 155 -6.15 -2.72 13.98
N PHE B 156 -6.73 -3.73 14.62
CA PHE B 156 -7.93 -4.35 14.11
C PHE B 156 -8.98 -3.27 13.81
N PRO B 157 -9.72 -3.39 12.68
CA PRO B 157 -10.74 -2.37 12.34
C PRO B 157 -12.03 -2.51 13.15
N THR B 158 -12.09 -1.84 14.31
CA THR B 158 -13.22 -2.05 15.21
C THR B 158 -14.54 -1.49 14.66
N VAL B 159 -14.50 -0.67 13.60
CA VAL B 159 -15.73 -0.24 12.97
C VAL B 159 -16.56 -1.46 12.54
N ALA B 160 -15.90 -2.59 12.23
CA ALA B 160 -16.65 -3.78 11.88
C ALA B 160 -17.58 -4.22 13.01
N LEU B 161 -17.18 -3.99 14.26
CA LEU B 161 -18.00 -4.42 15.39
C LEU B 161 -19.28 -3.60 15.53
N SER B 162 -19.33 -2.42 14.91
CA SER B 162 -20.48 -1.53 15.00
C SER B 162 -21.63 -1.93 14.09
N TRP B 163 -21.49 -2.98 13.27
CA TRP B 163 -22.45 -3.29 12.23
C TRP B 163 -23.45 -4.33 12.71
N PRO B 164 -24.71 -3.97 12.97
CA PRO B 164 -25.65 -4.93 13.57
C PRO B 164 -25.98 -6.12 12.68
N SER B 165 -25.83 -6.04 11.36
CA SER B 165 -26.22 -7.14 10.48
C SER B 165 -25.04 -7.86 9.85
N LEU B 166 -23.83 -7.67 10.38
CA LEU B 166 -22.64 -8.22 9.71
C LEU B 166 -22.61 -9.74 9.77
N LYS B 167 -22.48 -10.37 8.59
CA LYS B 167 -22.39 -11.82 8.47
C LYS B 167 -21.03 -12.32 7.99
N PHE B 168 -20.31 -11.54 7.18
CA PHE B 168 -19.13 -12.01 6.47
C PHE B 168 -18.06 -10.94 6.59
N LEU B 169 -16.97 -11.26 7.28
CA LEU B 169 -15.89 -10.31 7.50
C LEU B 169 -14.59 -10.91 6.98
N ASP B 170 -14.08 -10.38 5.86
CA ASP B 170 -12.82 -10.86 5.27
C ASP B 170 -11.76 -9.76 5.31
N ILE B 171 -10.78 -9.88 6.22
CA ILE B 171 -9.68 -8.93 6.31
C ILE B 171 -8.33 -9.57 6.06
N ARG B 172 -8.31 -10.78 5.52
CA ARG B 172 -7.06 -11.51 5.34
C ARG B 172 -6.16 -10.82 4.32
N TYR B 173 -4.87 -11.19 4.37
CA TYR B 173 -3.82 -10.67 3.48
C TYR B 173 -3.73 -9.15 3.51
N ASN B 174 -3.58 -8.63 4.72
CA ASN B 174 -3.33 -7.22 4.93
C ASN B 174 -2.15 -7.11 5.90
N ASP B 175 -2.05 -6.00 6.60
CA ASP B 175 -1.06 -5.80 7.65
C ASP B 175 -1.75 -5.27 8.90
N PHE B 176 -2.85 -5.90 9.28
CA PHE B 176 -3.43 -5.65 10.59
C PHE B 176 -2.62 -6.35 11.69
N GLU B 177 -2.57 -5.72 12.86
CA GLU B 177 -1.58 -6.08 13.86
C GLU B 177 -2.17 -5.93 15.24
N GLY B 178 -1.45 -6.47 16.24
CA GLY B 178 -1.86 -6.33 17.62
C GLY B 178 -2.92 -7.34 18.00
N LYS B 179 -3.67 -7.01 19.05
CA LYS B 179 -4.59 -7.94 19.68
C LYS B 179 -5.93 -7.97 18.96
N LEU B 180 -6.55 -9.11 18.98
CA LEU B 180 -7.87 -9.39 18.43
C LEU B 180 -8.93 -8.98 19.42
N PRO B 181 -9.86 -8.11 19.06
CA PRO B 181 -10.97 -7.72 19.98
C PRO B 181 -11.82 -8.93 20.31
N PRO B 182 -12.10 -9.17 21.60
CA PRO B 182 -12.93 -10.34 21.95
C PRO B 182 -14.36 -10.27 21.45
N GLU B 183 -14.94 -9.08 21.27
CA GLU B 183 -16.35 -9.01 20.86
C GLU B 183 -16.56 -9.52 19.44
N ILE B 184 -15.49 -9.67 18.65
CA ILE B 184 -15.66 -10.16 17.30
C ILE B 184 -16.33 -11.54 17.26
N PHE B 185 -16.16 -12.33 18.33
CA PHE B 185 -16.83 -13.62 18.40
C PHE B 185 -18.18 -13.56 19.12
N ASP B 186 -18.47 -12.48 19.86
CA ASP B 186 -19.80 -12.23 20.41
C ASP B 186 -20.77 -11.68 19.37
N LYS B 187 -20.26 -11.21 18.23
CA LYS B 187 -21.15 -10.87 17.14
C LYS B 187 -21.59 -12.16 16.45
N ASP B 188 -22.66 -12.07 15.69
CA ASP B 188 -23.30 -13.27 15.16
C ASP B 188 -22.88 -13.49 13.71
N LEU B 189 -21.58 -13.69 13.52
CA LEU B 189 -21.00 -13.80 12.19
C LEU B 189 -21.07 -15.24 11.68
N ASP B 190 -21.10 -15.38 10.35
CA ASP B 190 -20.93 -16.70 9.73
C ASP B 190 -19.48 -17.01 9.33
N ALA B 191 -18.65 -15.99 9.06
CA ALA B 191 -17.35 -16.19 8.41
C ALA B 191 -16.38 -15.11 8.86
N ILE B 192 -15.24 -15.53 9.38
CA ILE B 192 -14.24 -14.64 9.96
C ILE B 192 -12.89 -15.07 9.38
N PHE B 193 -12.41 -14.35 8.38
CA PHE B 193 -11.11 -14.61 7.77
C PHE B 193 -10.10 -13.61 8.32
N LEU B 194 -9.17 -14.08 9.15
CA LEU B 194 -8.14 -13.22 9.72
C LEU B 194 -6.76 -13.54 9.20
N ASN B 195 -6.63 -14.55 8.34
CA ASN B 195 -5.31 -15.12 8.07
C ASN B 195 -4.41 -14.10 7.37
N ASN B 196 -3.09 -14.31 7.55
CA ASN B 196 -2.08 -13.54 6.82
C ASN B 196 -2.10 -12.06 7.16
N ASN B 197 -2.09 -11.77 8.46
CA ASN B 197 -1.85 -10.42 8.94
C ASN B 197 -0.69 -10.47 9.91
N ARG B 198 -0.66 -9.58 10.90
CA ARG B 198 0.37 -9.61 11.94
C ARG B 198 -0.26 -9.50 13.33
N PHE B 199 -1.41 -10.15 13.53
CA PHE B 199 -2.06 -10.18 14.83
C PHE B 199 -1.17 -10.88 15.86
N GLU B 200 -1.28 -10.41 17.10
CA GLU B 200 -0.44 -10.87 18.20
C GLU B 200 -1.28 -11.41 19.34
N SER B 201 -0.58 -11.88 20.37
CA SER B 201 -1.16 -12.28 21.64
C SER B 201 -2.06 -13.49 21.45
N THR B 202 -3.00 -13.68 22.36
CA THR B 202 -3.73 -14.93 22.47
C THR B 202 -5.07 -14.83 21.77
N ILE B 203 -5.54 -15.96 21.26
CA ILE B 203 -6.90 -16.10 20.78
C ILE B 203 -7.83 -15.85 21.97
N PRO B 204 -8.75 -14.89 21.89
CA PRO B 204 -9.59 -14.57 23.06
C PRO B 204 -10.49 -15.73 23.45
N GLU B 205 -10.84 -15.77 24.74
CA GLU B 205 -11.65 -16.87 25.25
C GLU B 205 -13.06 -16.88 24.68
N THR B 206 -13.57 -15.72 24.23
CA THR B 206 -14.91 -15.63 23.68
C THR B 206 -15.11 -16.41 22.40
N ILE B 207 -14.05 -17.04 21.86
CA ILE B 207 -14.18 -17.85 20.66
C ILE B 207 -15.35 -18.83 20.78
N GLY B 208 -15.64 -19.31 22.00
CA GLY B 208 -16.73 -20.27 22.18
C GLY B 208 -18.12 -19.69 21.96
N LYS B 209 -18.27 -18.37 22.13
CA LYS B 209 -19.55 -17.71 21.87
C LYS B 209 -19.86 -17.60 20.39
N SER B 210 -18.92 -17.95 19.52
CA SER B 210 -19.05 -17.64 18.11
C SER B 210 -19.92 -18.65 17.37
N THR B 211 -20.65 -18.18 16.37
CA THR B 211 -21.54 -19.00 15.58
C THR B 211 -21.02 -19.22 14.16
N ALA B 212 -19.78 -18.85 13.89
CA ALA B 212 -19.24 -18.90 12.54
C ALA B 212 -19.15 -20.33 12.02
N SER B 213 -19.38 -20.50 10.72
CA SER B 213 -19.10 -21.79 10.13
C SER B 213 -17.63 -21.93 9.74
N VAL B 214 -16.88 -20.84 9.66
CA VAL B 214 -15.48 -20.88 9.23
C VAL B 214 -14.74 -19.71 9.87
N VAL B 215 -13.59 -20.02 10.48
CA VAL B 215 -12.68 -19.01 11.04
C VAL B 215 -11.27 -19.35 10.60
N THR B 216 -10.52 -18.35 10.11
CA THR B 216 -9.12 -18.54 9.76
C THR B 216 -8.25 -17.60 10.59
N PHE B 217 -7.21 -18.18 11.20
CA PHE B 217 -6.18 -17.51 11.99
C PHE B 217 -4.81 -17.63 11.37
N ALA B 218 -4.67 -18.39 10.29
CA ALA B 218 -3.37 -18.83 9.81
C ALA B 218 -2.45 -17.65 9.51
N HIS B 219 -1.16 -17.86 9.72
CA HIS B 219 -0.10 -16.92 9.33
C HIS B 219 -0.30 -15.57 10.02
N ASN B 220 -0.32 -15.65 11.35
CA ASN B 220 -0.23 -14.47 12.20
C ASN B 220 0.86 -14.77 13.23
N LYS B 221 0.86 -14.01 14.32
CA LYS B 221 1.77 -14.28 15.43
C LYS B 221 0.99 -14.54 16.70
N PHE B 222 -0.14 -15.24 16.58
CA PHE B 222 -0.88 -15.64 17.76
C PHE B 222 -0.03 -16.55 18.64
N SER B 223 -0.21 -16.43 19.95
CA SER B 223 0.59 -17.18 20.91
C SER B 223 -0.31 -17.74 21.99
N GLY B 224 0.28 -18.51 22.90
CA GLY B 224 -0.50 -19.16 23.93
C GLY B 224 -1.20 -20.41 23.43
N CYS B 225 -2.18 -20.85 24.22
CA CYS B 225 -2.92 -22.07 23.96
C CYS B 225 -4.18 -21.76 23.18
N ILE B 226 -4.70 -22.78 22.51
CA ILE B 226 -6.10 -22.71 22.06
C ILE B 226 -7.00 -22.63 23.28
N PRO B 227 -7.98 -21.74 23.32
CA PRO B 227 -8.85 -21.64 24.50
C PRO B 227 -9.67 -22.90 24.73
N LYS B 228 -9.86 -23.24 26.01
CA LYS B 228 -10.63 -24.44 26.35
C LYS B 228 -12.08 -24.32 25.91
N THR B 229 -12.61 -23.11 25.84
CA THR B 229 -13.93 -22.84 25.27
C THR B 229 -14.04 -23.12 23.76
N ILE B 230 -13.01 -23.66 23.10
CA ILE B 230 -13.15 -24.00 21.69
C ILE B 230 -14.32 -24.96 21.46
N GLY B 231 -14.57 -25.86 22.42
CA GLY B 231 -15.62 -26.85 22.26
C GLY B 231 -17.03 -26.29 22.17
N GLN B 232 -17.23 -25.06 22.63
CA GLN B 232 -18.55 -24.43 22.67
C GLN B 232 -18.98 -23.81 21.33
N MET B 233 -18.13 -23.81 20.30
CA MET B 233 -18.48 -23.16 19.04
C MET B 233 -19.60 -23.92 18.34
N LYS B 234 -20.73 -23.25 18.17
CA LYS B 234 -21.94 -23.94 17.72
C LYS B 234 -21.78 -24.51 16.31
N ASN B 235 -21.59 -23.64 15.30
CA ASN B 235 -21.77 -24.05 13.92
C ASN B 235 -20.46 -24.30 13.17
N LEU B 236 -19.36 -24.57 13.87
CA LEU B 236 -18.05 -24.53 13.24
C LEU B 236 -17.85 -25.69 12.27
N ASN B 237 -17.55 -25.37 11.01
CA ASN B 237 -17.18 -26.36 10.00
C ASN B 237 -15.71 -26.37 9.65
N GLU B 238 -15.06 -25.21 9.53
CA GLU B 238 -13.65 -25.14 9.16
C GLU B 238 -12.93 -24.16 10.09
N ILE B 239 -11.75 -24.58 10.57
CA ILE B 239 -10.89 -23.74 11.41
C ILE B 239 -9.44 -23.99 11.00
N VAL B 240 -8.69 -22.91 10.74
CA VAL B 240 -7.36 -23.00 10.15
C VAL B 240 -6.40 -22.17 10.98
N PHE B 241 -5.39 -22.83 11.56
CA PHE B 241 -4.41 -22.22 12.46
C PHE B 241 -3.01 -22.17 11.89
N ILE B 242 -2.79 -22.64 10.66
CA ILE B 242 -1.44 -22.81 10.09
C ILE B 242 -0.53 -21.65 10.41
N GLY B 243 0.64 -21.94 11.00
CA GLY B 243 1.71 -20.97 11.04
C GLY B 243 1.50 -19.84 12.02
N ASN B 244 1.35 -20.17 13.30
CA ASN B 244 1.37 -19.17 14.36
C ASN B 244 2.43 -19.54 15.39
N ASN B 245 2.37 -18.94 16.58
CA ASN B 245 3.22 -19.37 17.69
C ASN B 245 2.37 -19.94 18.82
N LEU B 246 1.36 -20.72 18.47
CA LEU B 246 0.53 -21.39 19.45
C LEU B 246 1.29 -22.57 20.05
N SER B 247 0.99 -22.90 21.31
CA SER B 247 1.73 -23.92 22.02
C SER B 247 0.83 -24.53 23.10
N GLY B 248 1.44 -25.31 23.99
CA GLY B 248 0.68 -26.07 24.95
C GLY B 248 0.00 -27.25 24.28
N CYS B 249 -0.70 -28.02 25.09
CA CYS B 249 -1.43 -29.18 24.58
C CYS B 249 -2.74 -28.75 23.93
N LEU B 250 -3.18 -29.54 22.96
CA LEU B 250 -4.52 -29.37 22.42
C LEU B 250 -5.55 -29.63 23.53
N PRO B 251 -6.48 -28.71 23.75
CA PRO B 251 -7.57 -29.02 24.69
C PRO B 251 -8.44 -30.15 24.18
N ASN B 252 -9.01 -30.91 25.13
CA ASN B 252 -9.90 -32.03 24.80
C ASN B 252 -11.27 -31.57 24.34
N GLU B 253 -11.67 -30.34 24.67
CA GLU B 253 -12.93 -29.81 24.19
C GLU B 253 -13.02 -29.83 22.66
N ILE B 254 -11.88 -29.88 21.97
CA ILE B 254 -11.88 -29.97 20.51
C ILE B 254 -12.73 -31.14 20.05
N GLY B 255 -12.80 -32.20 20.84
CA GLY B 255 -13.62 -33.36 20.49
C GLY B 255 -15.10 -33.09 20.48
N SER B 256 -15.55 -31.99 21.08
CA SER B 256 -16.94 -31.58 21.02
C SER B 256 -17.35 -30.86 19.72
N LEU B 257 -16.56 -30.94 18.64
CA LEU B 257 -16.86 -30.22 17.38
C LEU B 257 -17.22 -31.22 16.29
N ASN B 258 -18.42 -31.81 16.43
CA ASN B 258 -18.81 -32.90 15.54
C ASN B 258 -19.20 -32.42 14.15
N ASN B 259 -19.45 -31.12 13.98
CA ASN B 259 -19.78 -30.61 12.66
C ASN B 259 -18.57 -30.11 11.89
N VAL B 260 -17.36 -30.24 12.46
CA VAL B 260 -16.15 -29.75 11.84
C VAL B 260 -15.71 -30.67 10.72
N THR B 261 -15.43 -30.09 9.54
CA THR B 261 -14.87 -30.82 8.41
C THR B 261 -13.38 -30.60 8.23
N VAL B 262 -12.88 -29.43 8.64
CA VAL B 262 -11.51 -29.02 8.41
C VAL B 262 -10.92 -28.55 9.73
N PHE B 263 -9.91 -29.27 10.22
CA PHE B 263 -9.16 -28.87 11.40
C PHE B 263 -7.68 -28.92 11.04
N ASP B 264 -7.06 -27.75 10.96
CA ASP B 264 -5.67 -27.60 10.54
C ASP B 264 -4.92 -26.77 11.57
N ALA B 265 -4.01 -27.41 12.30
CA ALA B 265 -3.23 -26.75 13.35
C ALA B 265 -1.74 -26.82 13.06
N SER B 266 -1.35 -26.99 11.81
CA SER B 266 0.04 -27.25 11.50
C SER B 266 0.90 -25.99 11.70
N SER B 267 2.22 -26.24 11.85
CA SER B 267 3.22 -25.17 11.92
C SER B 267 3.01 -24.26 13.11
N ASN B 268 2.77 -24.87 14.27
CA ASN B 268 2.73 -24.12 15.50
C ASN B 268 3.77 -24.73 16.45
N GLY B 269 3.55 -24.62 17.76
CA GLY B 269 4.44 -25.27 18.70
C GLY B 269 3.68 -26.09 19.70
N PHE B 270 2.70 -26.86 19.23
CA PHE B 270 1.91 -27.66 20.14
C PHE B 270 2.71 -28.85 20.66
N VAL B 271 2.44 -29.23 21.92
CA VAL B 271 3.14 -30.31 22.58
C VAL B 271 2.12 -31.34 23.06
N GLY B 272 2.66 -32.45 23.56
CA GLY B 272 1.85 -33.51 24.13
C GLY B 272 1.35 -34.51 23.11
N SER B 273 0.38 -35.31 23.57
CA SER B 273 -0.29 -36.30 22.75
C SER B 273 -1.57 -35.73 22.17
N LEU B 274 -1.96 -36.23 21.01
CA LEU B 274 -3.27 -35.89 20.48
C LEU B 274 -4.33 -36.31 21.48
N PRO B 275 -5.25 -35.42 21.86
CA PRO B 275 -6.28 -35.80 22.84
C PRO B 275 -7.10 -36.97 22.36
N SER B 276 -7.52 -37.80 23.31
CA SER B 276 -8.30 -39.00 22.98
C SER B 276 -9.68 -38.64 22.44
N THR B 277 -10.24 -37.53 22.90
CA THR B 277 -11.58 -37.13 22.47
C THR B 277 -11.64 -36.80 20.97
N LEU B 278 -10.51 -36.81 20.26
CA LEU B 278 -10.61 -36.57 18.82
C LEU B 278 -11.37 -37.66 18.08
N SER B 279 -11.78 -38.73 18.79
CA SER B 279 -12.69 -39.72 18.22
C SER B 279 -14.08 -39.14 17.97
N GLY B 280 -14.40 -37.99 18.57
CA GLY B 280 -15.69 -37.37 18.38
C GLY B 280 -15.81 -36.47 17.17
N LEU B 281 -14.72 -36.22 16.43
CA LEU B 281 -14.80 -35.44 15.19
C LEU B 281 -15.47 -36.26 14.10
N ALA B 282 -16.76 -36.57 14.31
CA ALA B 282 -17.51 -37.44 13.40
C ALA B 282 -17.41 -37.00 11.94
N ASN B 283 -17.42 -35.69 11.69
CA ASN B 283 -17.52 -35.15 10.34
C ASN B 283 -16.19 -34.67 9.76
N VAL B 284 -15.07 -34.83 10.46
CA VAL B 284 -13.81 -34.25 10.02
C VAL B 284 -13.31 -34.98 8.77
N GLU B 285 -12.82 -34.21 7.80
CA GLU B 285 -12.33 -34.75 6.53
C GLU B 285 -10.89 -34.40 6.23
N GLN B 286 -10.42 -33.22 6.66
CA GLN B 286 -9.03 -32.84 6.53
C GLN B 286 -8.50 -32.51 7.92
N MET B 287 -7.39 -33.16 8.30
CA MET B 287 -6.80 -32.97 9.62
C MET B 287 -5.29 -32.88 9.50
N ASP B 288 -4.72 -31.73 9.87
CA ASP B 288 -3.30 -31.48 9.71
C ASP B 288 -2.73 -31.06 11.05
N PHE B 289 -1.75 -31.81 11.56
CA PHE B 289 -1.01 -31.46 12.77
C PHE B 289 0.48 -31.32 12.47
N SER B 290 0.85 -31.24 11.21
CA SER B 290 2.26 -31.26 10.84
C SER B 290 3.00 -30.08 11.46
N TYR B 291 4.29 -30.30 11.74
CA TYR B 291 5.21 -29.24 12.18
C TYR B 291 4.85 -28.70 13.56
N ASN B 292 4.76 -29.60 14.53
CA ASN B 292 4.58 -29.24 15.93
C ASN B 292 5.54 -30.06 16.79
N LYS B 293 5.35 -30.04 18.10
CA LYS B 293 6.18 -30.80 19.02
C LYS B 293 5.39 -31.92 19.68
N PHE B 294 4.51 -32.55 18.91
CA PHE B 294 3.65 -33.61 19.44
C PHE B 294 4.46 -34.87 19.73
N THR B 295 4.14 -35.55 20.83
CA THR B 295 4.76 -36.83 21.18
C THR B 295 3.69 -37.92 21.25
N GLY B 296 4.16 -39.15 21.39
CA GLY B 296 3.26 -40.23 21.72
C GLY B 296 2.79 -41.05 20.55
N PHE B 297 1.50 -41.38 20.55
CA PHE B 297 0.95 -42.45 19.74
C PHE B 297 -0.27 -41.96 18.97
N VAL B 298 -0.38 -42.42 17.73
CA VAL B 298 -1.53 -42.07 16.88
C VAL B 298 -2.39 -43.33 16.78
N THR B 299 -3.57 -43.26 17.39
CA THR B 299 -4.42 -44.43 17.59
C THR B 299 -5.32 -44.64 16.38
N ASP B 300 -6.21 -45.61 16.48
CA ASP B 300 -7.12 -45.93 15.39
C ASP B 300 -8.41 -45.12 15.41
N ASN B 301 -8.86 -44.69 16.58
CA ASN B 301 -10.04 -43.84 16.60
C ASN B 301 -9.72 -42.40 16.19
N ILE B 302 -8.45 -42.10 15.95
CA ILE B 302 -8.07 -40.92 15.18
C ILE B 302 -7.74 -41.27 13.73
N CYS B 303 -7.81 -42.55 13.37
CA CYS B 303 -7.62 -42.96 11.99
C CYS B 303 -8.82 -43.68 11.38
N LYS B 304 -9.75 -44.17 12.18
CA LYS B 304 -10.90 -44.90 11.67
C LYS B 304 -12.15 -44.03 11.62
N LEU B 305 -12.03 -42.71 11.82
CA LEU B 305 -13.21 -41.87 11.87
C LEU B 305 -13.89 -41.87 10.51
N PRO B 306 -15.21 -41.83 10.48
CA PRO B 306 -15.95 -42.15 9.24
C PRO B 306 -15.52 -41.32 8.05
N LYS B 307 -15.62 -40.00 8.16
CA LYS B 307 -15.45 -39.11 7.02
C LYS B 307 -14.03 -38.57 6.88
N LEU B 308 -13.05 -39.14 7.58
CA LEU B 308 -11.69 -38.62 7.49
C LEU B 308 -11.01 -39.17 6.24
N SER B 309 -10.32 -38.28 5.52
CA SER B 309 -9.74 -38.63 4.23
C SER B 309 -8.28 -38.20 4.07
N ASN B 310 -7.92 -37.03 4.58
CA ASN B 310 -6.53 -36.57 4.54
C ASN B 310 -6.12 -36.23 5.97
N PHE B 311 -5.20 -37.01 6.53
CA PHE B 311 -4.76 -36.87 7.91
C PHE B 311 -3.24 -36.76 7.90
N THR B 312 -2.72 -35.57 8.16
CA THR B 312 -1.29 -35.30 8.09
C THR B 312 -0.76 -35.00 9.48
N PHE B 313 0.24 -35.77 9.91
CA PHE B 313 0.84 -35.60 11.22
C PHE B 313 2.35 -35.72 11.15
N SER B 314 2.92 -35.45 9.98
CA SER B 314 4.36 -35.45 9.78
C SER B 314 5.01 -34.30 10.56
N TYR B 315 6.33 -34.38 10.67
CA TYR B 315 7.15 -33.40 11.37
C TYR B 315 6.61 -33.14 12.79
N ASN B 316 6.70 -34.20 13.60
CA ASN B 316 6.46 -34.11 15.03
C ASN B 316 7.46 -34.99 15.77
N PHE B 317 7.03 -35.64 16.85
CA PHE B 317 7.87 -36.59 17.55
C PHE B 317 7.07 -37.80 17.97
N PHE B 318 6.11 -38.20 17.14
CA PHE B 318 5.38 -39.42 17.42
C PHE B 318 6.33 -40.61 17.35
N ASN B 319 6.36 -41.41 18.41
CA ASN B 319 7.24 -42.57 18.49
C ASN B 319 6.53 -43.89 18.22
N GLY B 320 5.22 -43.86 18.02
CA GLY B 320 4.46 -45.06 17.73
C GLY B 320 3.19 -44.74 16.96
N GLU B 321 2.79 -45.59 16.03
CA GLU B 321 1.58 -45.34 15.27
C GLU B 321 0.82 -46.64 15.08
N ALA B 322 -0.51 -46.53 15.06
CA ALA B 322 -1.35 -47.69 14.92
C ALA B 322 -1.20 -48.31 13.53
N GLN B 323 -1.87 -49.44 13.33
CA GLN B 323 -1.83 -50.12 12.04
C GLN B 323 -2.64 -49.37 11.01
N SER B 324 -3.86 -48.97 11.37
CA SER B 324 -4.83 -48.25 10.54
C SER B 324 -4.39 -46.82 10.18
N CYS B 325 -3.13 -46.45 10.45
CA CYS B 325 -2.67 -45.07 10.28
C CYS B 325 -1.48 -44.96 9.34
N VAL B 326 -0.93 -46.07 8.86
CA VAL B 326 0.37 -46.04 8.19
C VAL B 326 0.19 -45.46 6.79
N PRO B 327 1.10 -44.60 6.32
CA PRO B 327 1.02 -44.10 4.94
C PRO B 327 1.03 -45.22 3.90
N GLY B 328 -0.10 -45.39 3.22
CA GLY B 328 -0.32 -46.51 2.32
C GLY B 328 -1.35 -47.49 2.84
N SER B 329 -1.81 -47.33 4.08
CA SER B 329 -2.68 -48.30 4.75
C SER B 329 -4.04 -48.44 4.07
N SER B 330 -4.50 -47.44 3.33
CA SER B 330 -5.88 -47.44 2.84
C SER B 330 -5.92 -46.98 1.39
N GLN B 331 -6.97 -47.44 0.70
CA GLN B 331 -7.27 -47.00 -0.66
C GLN B 331 -8.40 -45.98 -0.71
N GLU B 332 -8.83 -45.48 0.46
CA GLU B 332 -9.82 -44.41 0.52
C GLU B 332 -9.40 -43.31 1.49
N LYS B 333 -8.15 -43.31 1.96
CA LYS B 333 -7.65 -42.39 2.98
C LYS B 333 -6.15 -42.23 2.81
N GLN B 334 -5.67 -41.00 2.95
CA GLN B 334 -4.25 -40.71 2.86
C GLN B 334 -3.69 -40.27 4.22
N PHE B 335 -2.42 -40.62 4.46
CA PHE B 335 -1.74 -40.31 5.70
C PHE B 335 -0.31 -39.88 5.41
N ASP B 336 0.28 -39.12 6.35
CA ASP B 336 1.64 -38.61 6.22
C ASP B 336 2.32 -38.64 7.60
N ASP B 337 3.42 -39.42 7.72
CA ASP B 337 4.13 -39.54 9.00
C ASP B 337 5.62 -39.23 8.87
N THR B 338 6.02 -38.55 7.79
CA THR B 338 7.42 -38.23 7.55
C THR B 338 7.99 -37.49 8.75
N SER B 339 9.26 -37.75 9.05
CA SER B 339 10.02 -37.01 10.07
C SER B 339 9.28 -36.98 11.41
N ASN B 340 9.07 -38.18 11.94
CA ASN B 340 8.69 -38.35 13.32
C ASN B 340 9.78 -39.16 14.02
N CYS B 341 9.39 -40.07 14.93
CA CYS B 341 10.33 -40.97 15.59
C CYS B 341 9.81 -42.39 15.56
N LEU B 342 9.42 -42.86 14.39
CA LEU B 342 8.97 -44.22 14.20
C LEU B 342 10.16 -45.06 13.75
N GLN B 343 10.43 -46.14 14.49
CA GLN B 343 11.70 -46.83 14.33
C GLN B 343 11.74 -47.69 13.07
N ASN B 344 10.61 -48.22 12.61
CA ASN B 344 10.57 -49.05 11.40
C ASN B 344 9.79 -48.37 10.27
N ARG B 345 10.00 -47.06 10.10
CA ARG B 345 9.40 -46.29 9.03
C ARG B 345 10.46 -45.49 8.30
N PRO B 346 10.24 -45.19 7.02
CA PRO B 346 11.16 -44.32 6.27
C PRO B 346 11.03 -42.86 6.69
N ASN B 347 12.15 -42.13 6.52
CA ASN B 347 12.19 -40.67 6.62
C ASN B 347 11.78 -40.18 8.00
N GLN B 348 12.46 -40.70 9.02
CA GLN B 348 12.21 -40.32 10.39
C GLN B 348 13.43 -39.64 10.98
N LYS B 349 13.22 -38.92 12.08
CA LYS B 349 14.28 -38.09 12.63
C LYS B 349 15.46 -38.94 13.08
N SER B 350 16.56 -38.26 13.40
CA SER B 350 17.72 -38.94 13.95
C SER B 350 17.41 -39.48 15.34
N ALA B 351 18.12 -40.55 15.72
CA ALA B 351 18.05 -41.02 17.09
C ALA B 351 18.54 -39.96 18.06
N LYS B 352 19.57 -39.20 17.67
CA LYS B 352 20.10 -38.13 18.50
C LYS B 352 19.06 -37.05 18.75
N GLU B 353 18.18 -36.80 17.77
CA GLU B 353 17.18 -35.72 17.91
C GLU B 353 16.01 -36.14 18.78
N CYS B 354 15.52 -37.36 18.60
CA CYS B 354 14.28 -37.80 19.25
C CYS B 354 14.48 -38.14 20.72
N LEU B 355 15.64 -38.69 21.08
CA LEU B 355 15.85 -39.12 22.46
C LEU B 355 15.72 -38.01 23.50
N PRO B 356 16.03 -36.74 23.20
CA PRO B 356 15.66 -35.69 24.19
C PRO B 356 14.17 -35.49 24.36
N VAL B 357 13.38 -35.58 23.28
CA VAL B 357 11.96 -35.23 23.37
C VAL B 357 11.13 -36.40 23.90
N VAL B 358 11.23 -37.55 23.25
CA VAL B 358 10.41 -38.69 23.66
C VAL B 358 10.83 -39.18 25.05
N SER B 359 12.06 -38.90 25.47
CA SER B 359 12.49 -39.32 26.80
C SER B 359 11.74 -38.55 27.88
N ARG B 360 11.53 -37.25 27.68
CA ARG B 360 10.81 -36.41 28.62
C ARG B 360 9.59 -35.85 27.92
N PRO B 361 8.52 -36.65 27.78
CA PRO B 361 7.29 -36.13 27.19
C PRO B 361 6.60 -35.17 28.14
N VAL B 362 5.67 -34.41 27.58
CA VAL B 362 5.09 -33.26 28.27
C VAL B 362 3.84 -33.68 29.03
N ASP B 363 3.74 -33.23 30.28
CA ASP B 363 2.52 -33.15 31.09
C ASP B 363 1.20 -33.37 30.35
N ARG C 4 24.54 14.47 -18.36
CA ARG C 4 23.47 14.68 -19.34
C ARG C 4 22.13 14.18 -18.81
N ARG C 5 22.14 13.72 -17.56
CA ARG C 5 20.92 13.33 -16.85
C ARG C 5 20.60 14.40 -15.81
N TYR C 6 19.32 14.63 -15.61
CA TYR C 6 18.84 15.67 -14.71
C TYR C 6 18.02 15.01 -13.62
N ILE C 7 18.26 15.39 -12.36
CA ILE C 7 17.58 14.67 -11.31
C ILE C 7 16.09 15.00 -11.30
N GLY C 8 15.72 16.18 -11.80
CA GLY C 8 14.30 16.53 -11.90
C GLY C 8 13.56 15.61 -12.85
N TYR C 9 14.22 15.20 -13.94
CA TYR C 9 13.67 14.23 -14.87
C TYR C 9 13.78 12.80 -14.33
N ASP C 10 14.92 12.47 -13.71
CA ASP C 10 15.04 11.13 -13.13
C ASP C 10 14.02 10.90 -12.03
N ALA C 11 13.59 11.95 -11.33
CA ALA C 11 12.54 11.82 -10.33
C ALA C 11 11.27 11.23 -10.91
N LEU C 12 11.11 11.27 -12.24
CA LEU C 12 9.96 10.67 -12.92
C LEU C 12 10.04 9.15 -13.01
N LYS C 13 11.17 8.54 -12.65
CA LYS C 13 11.27 7.08 -12.59
C LYS C 13 11.17 6.64 -11.14
N LYS C 14 10.12 5.86 -10.83
CA LYS C 14 9.79 5.59 -9.44
C LYS C 14 10.90 4.83 -8.72
N ASN C 15 11.73 4.08 -9.45
CA ASN C 15 12.77 3.26 -8.82
C ASN C 15 14.09 3.98 -8.67
N ASN C 16 14.26 5.16 -9.29
CA ASN C 16 15.54 5.85 -9.31
C ASN C 16 15.78 6.56 -7.97
N VAL C 17 17.00 6.42 -7.45
CA VAL C 17 17.41 7.20 -6.28
C VAL C 17 18.73 7.86 -6.61
N PRO C 18 19.13 8.90 -5.88
CA PRO C 18 20.37 9.63 -6.25
C PRO C 18 21.62 8.84 -5.97
N CYS C 19 21.55 7.79 -5.16
CA CYS C 19 22.75 7.10 -4.71
C CYS C 19 22.45 5.64 -4.43
N SER C 20 23.28 4.77 -4.96
CA SER C 20 23.11 3.34 -4.80
C SER C 20 23.85 2.77 -3.58
N ARG C 21 24.65 3.56 -2.88
CA ARG C 21 25.47 3.07 -1.77
C ARG C 21 24.64 3.15 -0.49
N ARG C 22 24.17 2.00 -0.03
CA ARG C 22 23.21 1.93 1.06
C ARG C 22 23.78 2.58 2.32
N GLY C 23 23.07 3.55 2.88
CA GLY C 23 23.47 4.19 4.10
C GLY C 23 24.17 5.53 3.93
N ARG C 24 24.58 5.86 2.71
CA ARG C 24 25.26 7.12 2.44
C ARG C 24 24.27 8.23 2.16
N SER C 25 24.66 9.44 2.55
CA SER C 25 23.86 10.61 2.20
C SER C 25 23.81 10.77 0.69
N TYR C 26 22.63 11.19 0.19
CA TYR C 26 22.50 11.61 -1.19
C TYR C 26 23.44 12.77 -1.51
N TYR C 27 23.94 13.46 -0.49
CA TYR C 27 24.87 14.56 -0.65
C TYR C 27 26.32 14.13 -0.49
N ASP C 28 26.60 12.84 -0.45
CA ASP C 28 27.97 12.35 -0.29
C ASP C 28 28.07 10.94 -0.85
N CYS C 29 27.67 10.74 -2.10
CA CYS C 29 27.75 9.42 -2.72
C CYS C 29 29.16 9.28 -3.29
N LYS C 30 30.08 8.92 -2.40
CA LYS C 30 31.49 8.77 -2.74
C LYS C 30 32.06 7.72 -1.82
N LYS C 31 32.79 6.76 -2.39
CA LYS C 31 33.43 5.72 -1.58
C LYS C 31 34.40 6.34 -0.59
N ARG C 32 34.15 6.11 0.70
CA ARG C 32 35.03 6.56 1.75
C ARG C 32 35.34 5.39 2.69
N ARG C 33 36.43 5.51 3.43
CA ARG C 33 36.81 4.45 4.36
C ARG C 33 35.70 4.15 5.35
N ARG C 34 34.92 5.16 5.72
CA ARG C 34 33.83 5.01 6.68
C ARG C 34 32.51 5.38 6.02
N ASN C 35 31.41 5.01 6.69
CA ASN C 35 30.06 5.17 6.17
C ASN C 35 29.20 5.90 7.21
N ASN C 36 29.42 7.22 7.31
CA ASN C 36 28.71 8.04 8.30
C ASN C 36 27.53 8.76 7.65
N PRO C 37 26.28 8.46 8.03
CA PRO C 37 25.14 9.17 7.42
C PRO C 37 25.16 10.67 7.68
N TYR C 38 25.79 11.13 8.76
CA TYR C 38 25.89 12.56 9.04
C TYR C 38 26.79 13.30 8.07
N ARG C 39 27.63 12.59 7.31
CA ARG C 39 28.62 13.24 6.45
C ARG C 39 27.98 13.65 5.13
N ARG C 40 28.21 14.91 4.76
CA ARG C 40 27.69 15.47 3.53
C ARG C 40 28.84 16.11 2.76
N GLY C 41 28.60 17.25 2.12
CA GLY C 41 29.65 17.89 1.35
C GLY C 41 29.15 18.58 0.10
N CYS C 42 28.26 17.92 -0.64
CA CYS C 42 27.64 18.55 -1.79
C CYS C 42 26.58 19.54 -1.31
N SER C 43 26.48 20.68 -2.01
CA SER C 43 25.58 21.73 -1.59
C SER C 43 24.21 21.62 -2.27
N ALA C 44 24.17 21.56 -3.61
CA ALA C 44 22.93 21.46 -4.37
C ALA C 44 22.86 20.09 -5.04
N ILE C 45 21.81 19.33 -4.75
CA ILE C 45 21.71 17.98 -5.27
C ILE C 45 21.79 17.95 -6.79
N THR C 46 21.28 19.00 -7.47
CA THR C 46 21.37 19.05 -8.94
C THR C 46 22.81 19.09 -9.41
N HIS C 47 23.71 19.71 -8.65
CA HIS C 47 25.11 19.77 -9.08
C HIS C 47 25.82 18.44 -8.86
N CYS C 48 25.60 17.77 -7.74
CA CYS C 48 26.34 16.53 -7.51
C CYS C 48 25.65 15.31 -8.10
N TYR C 49 24.38 15.43 -8.51
CA TYR C 49 23.80 14.40 -9.37
C TYR C 49 24.47 14.40 -10.73
N ARG C 50 24.91 15.57 -11.19
CA ARG C 50 25.31 15.90 -12.58
C ARG C 50 24.09 15.88 -13.49
N ARG D 4 -14.00 -31.16 -2.68
CA ARG D 4 -12.60 -31.11 -3.10
C ARG D 4 -11.99 -29.73 -2.88
N ARG D 5 -12.83 -28.72 -2.60
CA ARG D 5 -12.32 -27.41 -2.26
C ARG D 5 -13.06 -26.87 -1.05
N TYR D 6 -12.30 -26.38 -0.07
CA TYR D 6 -12.81 -25.87 1.19
C TYR D 6 -12.49 -24.39 1.27
N ILE D 7 -13.46 -23.60 1.72
CA ILE D 7 -13.26 -22.15 1.66
C ILE D 7 -12.16 -21.73 2.65
N GLY D 8 -12.01 -22.47 3.75
CA GLY D 8 -10.98 -22.16 4.73
C GLY D 8 -9.58 -22.30 4.18
N TYR D 9 -9.39 -23.20 3.21
CA TYR D 9 -8.10 -23.36 2.54
C TYR D 9 -7.94 -22.39 1.36
N ASP D 10 -8.99 -22.20 0.57
CA ASP D 10 -8.89 -21.23 -0.52
C ASP D 10 -8.61 -19.83 0.01
N ALA D 11 -9.06 -19.54 1.23
CA ALA D 11 -8.72 -18.26 1.87
C ALA D 11 -7.22 -18.03 2.00
N LEU D 12 -6.41 -19.08 1.90
CA LEU D 12 -4.97 -18.88 1.87
C LEU D 12 -4.47 -18.40 0.51
N LYS D 13 -5.28 -18.51 -0.53
CA LYS D 13 -4.93 -17.96 -1.84
C LYS D 13 -5.42 -16.51 -1.91
N LYS D 14 -4.47 -15.57 -1.98
CA LYS D 14 -4.82 -14.16 -1.81
C LYS D 14 -5.77 -13.63 -2.89
N ASN D 15 -5.71 -14.15 -4.11
CA ASN D 15 -6.58 -13.66 -5.18
C ASN D 15 -7.94 -14.34 -5.21
N ASN D 16 -8.23 -15.24 -4.26
CA ASN D 16 -9.40 -16.08 -4.33
C ASN D 16 -10.60 -15.39 -3.67
N VAL D 17 -11.76 -15.46 -4.31
CA VAL D 17 -12.97 -14.95 -3.64
C VAL D 17 -14.08 -15.97 -3.88
N PRO D 18 -15.19 -15.92 -3.15
CA PRO D 18 -16.20 -16.98 -3.31
C PRO D 18 -17.05 -16.86 -4.56
N CYS D 19 -17.08 -15.70 -5.20
CA CYS D 19 -17.97 -15.49 -6.32
C CYS D 19 -17.30 -14.54 -7.32
N SER D 20 -17.26 -14.95 -8.58
CA SER D 20 -16.68 -14.11 -9.62
C SER D 20 -17.70 -13.20 -10.28
N ARG D 21 -18.99 -13.49 -10.15
CA ARG D 21 -20.04 -12.64 -10.70
C ARG D 21 -20.09 -11.35 -9.88
N ARG D 22 -19.49 -10.29 -10.41
CA ARG D 22 -19.32 -9.07 -9.63
C ARG D 22 -20.67 -8.47 -9.27
N GLY D 23 -20.77 -7.94 -8.06
CA GLY D 23 -21.98 -7.36 -7.54
C GLY D 23 -22.89 -8.32 -6.78
N ARG D 24 -22.78 -9.62 -7.01
CA ARG D 24 -23.67 -10.57 -6.36
C ARG D 24 -23.18 -10.87 -4.94
N SER D 25 -24.14 -11.08 -4.03
CA SER D 25 -23.77 -11.53 -2.69
C SER D 25 -22.99 -12.83 -2.75
N TYR D 26 -22.00 -12.96 -1.86
CA TYR D 26 -21.27 -14.22 -1.74
C TYR D 26 -22.17 -15.34 -1.26
N TYR D 27 -23.33 -15.01 -0.69
CA TYR D 27 -24.34 -15.98 -0.30
C TYR D 27 -25.40 -16.20 -1.37
N ASP D 28 -25.17 -15.69 -2.59
CA ASP D 28 -26.11 -15.91 -3.68
C ASP D 28 -25.41 -15.78 -5.02
N CYS D 29 -24.46 -16.68 -5.28
CA CYS D 29 -23.64 -16.63 -6.49
C CYS D 29 -24.31 -17.28 -7.70
N LYS D 30 -25.52 -17.82 -7.55
CA LYS D 30 -26.25 -18.31 -8.71
C LYS D 30 -26.66 -17.14 -9.60
N LYS D 31 -26.68 -17.41 -10.92
CA LYS D 31 -27.03 -16.36 -11.86
C LYS D 31 -28.53 -16.10 -11.85
N ARG D 32 -28.91 -14.85 -11.62
CA ARG D 32 -30.28 -14.38 -11.72
C ARG D 32 -30.39 -13.46 -12.94
N ARG D 33 -31.65 -13.14 -13.28
CA ARG D 33 -31.87 -12.13 -14.32
C ARG D 33 -31.52 -10.73 -13.79
N ARG D 34 -31.77 -10.50 -12.50
CA ARG D 34 -31.55 -9.25 -11.81
C ARG D 34 -30.37 -9.40 -10.85
N ASN D 35 -29.64 -8.32 -10.62
CA ASN D 35 -28.46 -8.34 -9.75
C ASN D 35 -28.71 -7.42 -8.55
N ASN D 36 -29.24 -8.00 -7.48
CA ASN D 36 -29.60 -7.28 -6.28
C ASN D 36 -28.69 -7.66 -5.12
N PRO D 37 -27.70 -6.82 -4.74
CA PRO D 37 -26.79 -7.17 -3.63
C PRO D 37 -27.49 -7.59 -2.33
N TYR D 38 -28.74 -7.16 -2.13
CA TYR D 38 -29.48 -7.55 -0.94
C TYR D 38 -29.95 -9.01 -0.98
N ARG D 39 -30.11 -9.59 -2.17
CA ARG D 39 -30.65 -10.94 -2.28
C ARG D 39 -29.61 -11.99 -1.88
N ARG D 40 -30.00 -12.89 -0.98
CA ARG D 40 -29.09 -13.89 -0.41
C ARG D 40 -29.91 -15.12 -0.06
N GLY D 41 -29.50 -16.29 -0.52
CA GLY D 41 -30.20 -17.51 -0.18
C GLY D 41 -29.42 -18.42 0.77
N CYS D 42 -28.11 -18.35 0.67
CA CYS D 42 -27.25 -19.25 1.43
C CYS D 42 -27.22 -18.86 2.89
N SER D 43 -27.11 -19.88 3.75
CA SER D 43 -27.06 -19.74 5.19
C SER D 43 -25.62 -19.67 5.70
N ALA D 44 -24.85 -20.73 5.49
CA ALA D 44 -23.47 -20.81 5.93
C ALA D 44 -22.57 -20.93 4.71
N ILE D 45 -21.56 -20.05 4.63
CA ILE D 45 -20.76 -19.94 3.40
C ILE D 45 -20.07 -21.26 3.06
N THR D 46 -19.66 -22.05 4.08
CA THR D 46 -19.08 -23.38 3.83
C THR D 46 -20.01 -24.26 3.01
N HIS D 47 -21.33 -24.14 3.21
CA HIS D 47 -22.28 -24.91 2.43
C HIS D 47 -22.19 -24.56 0.94
N CYS D 48 -22.51 -23.31 0.60
CA CYS D 48 -22.66 -22.96 -0.81
C CYS D 48 -21.33 -22.84 -1.54
N TYR D 49 -20.21 -22.91 -0.83
CA TYR D 49 -18.93 -22.77 -1.51
C TYR D 49 -18.69 -23.93 -2.46
#